data_6JU5
#
_entry.id   6JU5
#
_cell.length_a   54.344
_cell.length_b   118.210
_cell.length_c   79.363
_cell.angle_alpha   90.00
_cell.angle_beta   91.13
_cell.angle_gamma   90.00
#
_symmetry.space_group_name_H-M   'P 1 21 1'
#
loop_
_entity.id
_entity.type
_entity.pdbx_description
1 polymer Tyrosinase
2 non-polymer 'COPPER (II) ION'
3 water water
#
_entity_poly.entity_id   1
_entity_poly.type   'polypeptide(L)'
_entity_poly.pdbx_seq_one_letter_code
;GPGGSPYLITGIPKDPKHPLPIRKDIDDWYLEQTSAGSNRIQLTLFVEALTVIQNRPLNDQLSYFRLAGIHGAPWTEWDG
VPGGQKDSKGNPTGFAVHNNYTFPTWHRVYVTLYEQVIYEAMLDFIKQNVPQNGKADWENEAKQWRLPYWDFARFARHGH
DNTQGDELRLPILVTMPMVKVLVPGQPGKQLSKPNPLYRFQMQTLMGTLERPYAITSQKTEEHGWSFDLPFDKCQSTTKY
GLLENYNADVWADGGQNWLRANLALNEHPWYQNLDGWDSVPTLQDMTFRLLTTGGLNWGEFSSTRYDDKKEETQPKNNEQ
APKNWMNLEAIHNNVHNWVGGFMFSRPGRHDLKLWGAGHMSSVPVAAYDPIFWLHHCNIDRLTAIWQTVNSGSWFNDDKS
KVSKDDDLRPFHRFCEKTRKVVFFRSDDVKDWRSLNYDYAITKDASRIRKEISDLYGQRTKEVYKDFGEEDYILSIRYSR
YALGGKPFQINIFFGDVDGKDFYDARSQNFVGSVFNYSGSLEDSNCDKCAQQEQEGVLSVSQLPARLAVHYYKKQNKGEV
PTPRYVVVNSQGKAEAEVKVEVALHKTEGTFYDAPARGGSDDYRRVADGKRAEVDDAYRA
;
_entity_poly.pdbx_strand_id   A,B
#
loop_
_chem_comp.id
_chem_comp.type
_chem_comp.name
_chem_comp.formula
CU non-polymer 'COPPER (II) ION' 'Cu 2'
#
# COMPACT_ATOMS: atom_id res chain seq x y z
N SER A 5 -1.51 37.14 -18.35
CA SER A 5 -2.55 36.75 -19.29
C SER A 5 -2.64 37.67 -20.48
N PRO A 6 -2.96 37.16 -21.66
CA PRO A 6 -3.11 35.72 -21.91
C PRO A 6 -1.78 35.02 -21.82
N TYR A 7 -1.84 33.76 -21.45
CA TYR A 7 -0.65 32.90 -21.41
C TYR A 7 -0.51 32.23 -22.77
N LEU A 8 0.49 32.61 -23.57
CA LEU A 8 0.56 32.03 -24.91
C LEU A 8 1.24 30.66 -24.90
N ILE A 9 0.50 29.63 -25.32
CA ILE A 9 1.07 28.29 -25.37
C ILE A 9 1.77 28.05 -26.70
N THR A 10 3.04 27.67 -26.59
CA THR A 10 3.94 27.60 -27.75
C THR A 10 4.65 26.26 -27.82
N GLY A 11 4.69 25.56 -26.69
CA GLY A 11 5.69 24.50 -26.54
C GLY A 11 6.99 25.14 -26.11
N ILE A 12 7.98 24.30 -25.78
CA ILE A 12 9.27 24.86 -25.39
C ILE A 12 9.91 25.55 -26.58
N PRO A 13 10.43 26.76 -26.41
CA PRO A 13 11.03 27.48 -27.56
C PRO A 13 12.17 26.74 -28.22
N LYS A 14 12.26 26.91 -29.53
CA LYS A 14 13.32 26.27 -30.30
C LYS A 14 14.70 26.85 -29.98
N ASP A 15 15.64 25.95 -29.84
CA ASP A 15 17.05 26.33 -29.70
C ASP A 15 17.88 25.42 -30.62
N PRO A 16 18.73 25.97 -31.47
CA PRO A 16 19.36 25.18 -32.53
C PRO A 16 20.31 24.10 -32.02
N LYS A 17 20.73 24.17 -30.76
CA LYS A 17 21.52 23.09 -30.17
C LYS A 17 20.66 21.89 -29.78
N HIS A 18 19.34 22.04 -29.87
CA HIS A 18 18.39 21.04 -29.43
C HIS A 18 17.34 20.79 -30.51
N PRO A 19 17.67 20.19 -31.66
CA PRO A 19 16.67 19.97 -32.69
C PRO A 19 15.61 18.94 -32.28
N LEU A 20 14.34 19.28 -32.32
CA LEU A 20 13.15 18.51 -32.02
C LEU A 20 13.41 17.44 -30.97
N PRO A 21 13.64 17.88 -29.74
CA PRO A 21 13.91 16.94 -28.64
C PRO A 21 12.72 16.00 -28.42
N ILE A 22 13.08 14.76 -28.04
CA ILE A 22 12.06 13.74 -27.86
C ILE A 22 11.56 13.67 -26.43
N ARG A 23 10.27 13.38 -26.33
CA ARG A 23 9.62 12.93 -25.09
C ARG A 23 9.96 11.46 -24.92
N LYS A 24 10.73 11.15 -23.88
CA LYS A 24 11.24 9.80 -23.67
C LYS A 24 10.31 8.93 -22.84
N ASP A 25 10.43 7.63 -22.96
CA ASP A 25 9.78 6.69 -22.04
C ASP A 25 10.29 7.02 -20.64
N ILE A 26 9.40 7.27 -19.69
CA ILE A 26 9.83 7.70 -18.37
C ILE A 26 10.68 6.72 -17.60
N ASP A 27 10.45 5.41 -17.83
CA ASP A 27 11.34 4.42 -17.24
C ASP A 27 12.72 4.45 -17.89
N ASP A 28 12.82 4.51 -19.21
CA ASP A 28 14.13 4.61 -19.85
C ASP A 28 14.87 5.86 -19.38
N TRP A 29 14.13 6.98 -19.34
CA TRP A 29 14.72 8.25 -18.90
C TRP A 29 15.20 8.16 -17.47
N TYR A 30 14.36 7.62 -16.58
CA TYR A 30 14.77 7.51 -15.18
C TYR A 30 16.04 6.66 -15.07
N LEU A 31 16.13 5.55 -15.82
CA LEU A 31 17.31 4.71 -15.74
C LEU A 31 18.55 5.39 -16.29
N GLU A 32 18.43 6.18 -17.35
CA GLU A 32 19.54 6.97 -17.90
C GLU A 32 19.98 7.98 -16.84
N GLN A 33 19.00 8.60 -16.20
CA GLN A 33 19.34 9.66 -15.24
C GLN A 33 20.07 9.13 -14.02
N THR A 34 19.82 7.88 -13.62
CA THR A 34 20.27 7.40 -12.32
C THR A 34 21.31 6.31 -12.43
N SER A 35 21.60 5.88 -13.67
CA SER A 35 22.34 4.65 -13.87
C SER A 35 23.59 4.91 -14.73
N ALA A 36 23.35 5.73 -15.75
CA ALA A 36 24.43 6.27 -16.56
C ALA A 36 25.55 6.79 -15.66
N GLY A 37 25.20 7.46 -14.57
CA GLY A 37 26.18 8.07 -13.67
C GLY A 37 25.54 9.02 -12.68
N SER A 38 26.35 9.81 -11.96
CA SER A 38 25.74 10.65 -10.94
C SER A 38 25.21 11.97 -11.45
N ASN A 39 25.43 12.37 -12.70
CA ASN A 39 25.01 13.70 -13.14
C ASN A 39 23.52 13.85 -13.50
N ARG A 40 22.60 13.50 -12.63
CA ARG A 40 21.16 13.51 -12.81
C ARG A 40 20.57 14.90 -12.94
N ILE A 41 21.04 15.72 -13.87
CA ILE A 41 20.56 17.09 -13.97
C ILE A 41 19.13 17.20 -14.47
N GLN A 42 18.70 16.45 -15.48
CA GLN A 42 17.30 16.58 -15.89
C GLN A 42 16.32 16.11 -14.83
N LEU A 43 16.65 15.02 -14.13
CA LEU A 43 15.80 14.52 -13.07
C LEU A 43 15.70 15.59 -11.97
N THR A 44 16.82 16.19 -11.60
CA THR A 44 16.78 17.25 -10.59
C THR A 44 15.91 18.41 -11.06
N LEU A 45 16.12 18.85 -12.30
CA LEU A 45 15.29 19.94 -12.82
C LEU A 45 13.79 19.62 -12.83
N PHE A 46 13.44 18.43 -13.27
CA PHE A 46 12.00 18.05 -13.27
C PHE A 46 11.45 18.03 -11.85
N VAL A 47 12.14 17.38 -10.94
CA VAL A 47 11.69 17.26 -9.54
C VAL A 47 11.55 18.63 -8.90
N GLU A 48 12.57 19.47 -9.05
CA GLU A 48 12.58 20.76 -8.37
C GLU A 48 11.55 21.70 -9.01
N ALA A 49 11.46 21.68 -10.33
CA ALA A 49 10.50 22.56 -11.01
C ALA A 49 9.08 22.17 -10.65
N LEU A 50 8.78 20.87 -10.64
CA LEU A 50 7.40 20.46 -10.35
C LEU A 50 7.05 20.73 -8.91
N THR A 51 8.04 20.61 -8.00
CA THR A 51 7.83 20.98 -6.60
C THR A 51 7.45 22.45 -6.50
N VAL A 52 8.22 23.32 -7.16
CA VAL A 52 7.90 24.75 -7.13
C VAL A 52 6.49 25.01 -7.64
N ILE A 53 6.13 24.39 -8.79
CA ILE A 53 4.78 24.59 -9.35
C ILE A 53 3.69 24.09 -8.42
N GLN A 54 3.91 22.96 -7.74
CA GLN A 54 2.93 22.42 -6.80
C GLN A 54 2.76 23.32 -5.59
N ASN A 55 3.76 24.10 -5.22
CA ASN A 55 3.73 24.97 -4.03
C ASN A 55 3.29 26.39 -4.35
N ARG A 56 3.00 26.69 -5.61
CA ARG A 56 2.47 28.02 -5.95
C ARG A 56 1.07 28.22 -5.38
N PRO A 57 0.68 29.46 -5.08
CA PRO A 57 -0.62 29.71 -4.46
C PRO A 57 -1.78 29.59 -5.45
N LEU A 58 -2.99 29.48 -4.93
CA LEU A 58 -4.15 29.18 -5.77
C LEU A 58 -4.48 30.32 -6.72
N ASN A 59 -4.11 31.54 -6.34
CA ASN A 59 -4.39 32.69 -7.22
C ASN A 59 -3.36 32.81 -8.32
N ASP A 60 -2.36 31.92 -8.32
CA ASP A 60 -1.44 31.83 -9.46
C ASP A 60 -1.97 30.81 -10.45
N GLN A 61 -2.38 31.25 -11.64
CA GLN A 61 -2.98 30.32 -12.61
C GLN A 61 -1.97 29.33 -13.16
N LEU A 62 -0.66 29.48 -12.90
CA LEU A 62 0.31 28.48 -13.30
C LEU A 62 0.78 27.64 -12.12
N SER A 63 0.01 27.65 -11.04
CA SER A 63 0.19 26.66 -9.97
C SER A 63 -0.30 25.28 -10.43
N TYR A 64 0.24 24.22 -9.85
CA TYR A 64 -0.19 22.87 -10.22
C TYR A 64 -1.69 22.73 -10.02
N PHE A 65 -2.19 23.21 -8.87
CA PHE A 65 -3.62 23.11 -8.61
C PHE A 65 -4.43 23.74 -9.74
N ARG A 66 -4.08 24.94 -10.16
CA ARG A 66 -4.89 25.60 -11.19
C ARG A 66 -4.74 24.93 -12.54
N LEU A 67 -3.55 24.42 -12.88
CA LEU A 67 -3.40 23.71 -14.15
C LEU A 67 -4.26 22.45 -14.16
N ALA A 68 -4.20 21.66 -13.07
CA ALA A 68 -5.10 20.50 -12.95
C ALA A 68 -6.56 20.92 -12.96
N GLY A 69 -6.85 22.08 -12.37
CA GLY A 69 -8.19 22.62 -12.32
C GLY A 69 -8.77 22.91 -13.67
N ILE A 70 -7.97 23.06 -14.71
CA ILE A 70 -8.52 23.31 -16.04
C ILE A 70 -9.40 22.14 -16.48
N HIS A 71 -9.02 20.93 -16.09
CA HIS A 71 -9.66 19.71 -16.59
C HIS A 71 -11.06 19.51 -16.04
N GLY A 72 -11.24 19.78 -14.75
CA GLY A 72 -12.46 19.42 -14.05
C GLY A 72 -12.78 20.33 -12.88
N ALA A 73 -13.07 19.76 -11.72
CA ALA A 73 -13.32 20.57 -10.52
C ALA A 73 -12.06 21.34 -10.12
N PRO A 74 -12.14 22.50 -9.50
CA PRO A 74 -13.39 23.13 -9.05
C PRO A 74 -14.10 24.00 -10.09
N TRP A 75 -13.84 23.85 -11.37
CA TRP A 75 -14.69 24.44 -12.40
C TRP A 75 -14.61 25.96 -12.43
N THR A 76 -13.39 26.49 -12.27
CA THR A 76 -13.23 27.93 -12.27
C THR A 76 -12.75 28.44 -13.62
N GLU A 77 -12.66 29.77 -13.73
CA GLU A 77 -11.99 30.36 -14.88
C GLU A 77 -10.52 29.96 -14.95
N TRP A 78 -9.93 30.11 -16.14
CA TRP A 78 -8.49 30.01 -16.32
C TRP A 78 -8.09 30.94 -17.48
N ASP A 79 -7.03 31.70 -17.30
CA ASP A 79 -6.45 32.60 -18.29
C ASP A 79 -7.48 33.58 -18.84
N GLY A 80 -8.39 34.02 -17.99
CA GLY A 80 -9.42 34.98 -18.32
C GLY A 80 -10.59 34.35 -19.05
N VAL A 81 -10.59 33.04 -19.23
CA VAL A 81 -11.72 32.36 -19.87
C VAL A 81 -12.67 31.86 -18.80
N PRO A 82 -13.91 32.36 -18.76
CA PRO A 82 -14.87 31.89 -17.76
C PRO A 82 -15.02 30.36 -17.76
N GLY A 83 -15.14 29.81 -16.57
CA GLY A 83 -15.30 28.40 -16.31
C GLY A 83 -16.74 27.96 -16.46
N THR A 93 -19.57 21.68 -15.96
CA THR A 93 -18.64 20.97 -16.84
C THR A 93 -17.31 21.71 -16.99
N GLY A 94 -16.24 20.93 -17.04
CA GLY A 94 -14.91 21.45 -17.21
C GLY A 94 -14.58 21.81 -18.64
N PHE A 95 -13.38 22.34 -18.84
CA PHE A 95 -12.93 22.63 -20.20
C PHE A 95 -12.59 21.36 -20.96
N ALA A 96 -12.26 20.28 -20.25
CA ALA A 96 -11.77 19.09 -20.93
C ALA A 96 -12.78 18.56 -21.94
N VAL A 97 -12.30 18.09 -23.09
CA VAL A 97 -13.18 17.43 -24.06
C VAL A 97 -13.14 15.91 -23.90
N HIS A 98 -14.28 15.33 -23.61
CA HIS A 98 -14.46 13.87 -23.56
C HIS A 98 -15.62 13.45 -24.44
N ASN A 99 -15.54 12.23 -24.96
CA ASN A 99 -16.58 11.69 -25.83
C ASN A 99 -16.86 12.62 -27.00
N ASN A 100 -15.82 13.23 -27.54
CA ASN A 100 -15.93 13.92 -28.83
C ASN A 100 -14.61 13.80 -29.58
N TYR A 101 -14.63 14.15 -30.85
CA TYR A 101 -13.55 13.87 -31.80
C TYR A 101 -12.34 14.75 -31.59
N THR A 102 -12.48 15.80 -30.78
CA THR A 102 -11.36 16.64 -30.39
C THR A 102 -10.76 16.18 -29.06
N PHE A 103 -11.18 15.02 -28.54
CA PHE A 103 -10.50 14.48 -27.37
C PHE A 103 -8.98 14.47 -27.54
N PRO A 104 -8.42 13.95 -28.64
CA PRO A 104 -6.94 13.90 -28.70
C PRO A 104 -6.30 15.26 -28.84
N THR A 105 -6.96 16.19 -29.54
CA THR A 105 -6.30 17.47 -29.80
C THR A 105 -6.43 18.44 -28.64
N TRP A 106 -7.57 18.43 -27.94
CA TRP A 106 -7.67 19.23 -26.71
C TRP A 106 -6.57 18.79 -25.75
N HIS A 107 -6.39 17.47 -25.61
CA HIS A 107 -5.43 16.97 -24.61
C HIS A 107 -4.00 17.17 -25.11
N ARG A 108 -3.75 17.21 -26.42
CA ARG A 108 -2.43 17.52 -26.97
C ARG A 108 -1.98 18.89 -26.50
N VAL A 109 -2.90 19.85 -26.57
CA VAL A 109 -2.56 21.21 -26.13
C VAL A 109 -2.36 21.25 -24.62
N TYR A 110 -3.21 20.56 -23.87
CA TYR A 110 -3.14 20.55 -22.41
C TYR A 110 -1.79 20.02 -21.92
N VAL A 111 -1.36 18.90 -22.50
CA VAL A 111 -0.07 18.32 -22.12
C VAL A 111 1.07 19.28 -22.47
N THR A 112 0.96 19.96 -23.60
CA THR A 112 2.01 20.93 -23.97
C THR A 112 2.03 22.10 -23.00
N LEU A 113 0.88 22.58 -22.55
CA LEU A 113 0.84 23.62 -21.52
C LEU A 113 1.63 23.19 -20.29
N TYR A 114 1.36 21.99 -19.79
CA TYR A 114 2.06 21.51 -18.58
C TYR A 114 3.56 21.42 -18.81
N GLU A 115 3.98 20.85 -19.94
CA GLU A 115 5.41 20.77 -20.27
C GLU A 115 6.06 22.13 -20.32
N GLN A 116 5.38 23.10 -20.94
CA GLN A 116 5.93 24.44 -21.09
C GLN A 116 6.07 25.15 -19.74
N VAL A 117 5.05 25.04 -18.89
CA VAL A 117 5.12 25.64 -17.55
C VAL A 117 6.25 25.02 -16.76
N ILE A 118 6.42 23.68 -16.84
CA ILE A 118 7.54 23.05 -16.14
C ILE A 118 8.88 23.55 -16.67
N TYR A 119 9.06 23.63 -17.98
CA TYR A 119 10.29 24.18 -18.54
C TYR A 119 10.58 25.58 -18.04
N GLU A 120 9.55 26.43 -18.01
CA GLU A 120 9.77 27.81 -17.54
C GLU A 120 10.19 27.84 -16.08
N ALA A 121 9.62 26.94 -15.29
CA ALA A 121 10.03 26.79 -13.88
C ALA A 121 11.43 26.23 -13.76
N MET A 122 11.87 25.40 -14.71
CA MET A 122 13.25 24.95 -14.69
C MET A 122 14.20 26.13 -14.88
N LEU A 123 13.88 27.02 -15.82
CA LEU A 123 14.70 28.21 -16.03
C LEU A 123 14.77 29.07 -14.79
N ASP A 124 13.64 29.21 -14.08
CA ASP A 124 13.65 29.95 -12.80
C ASP A 124 14.50 29.25 -11.76
N PHE A 125 14.41 27.91 -11.71
CA PHE A 125 15.25 27.16 -10.76
C PHE A 125 16.72 27.43 -11.01
N ILE A 126 17.13 27.44 -12.27
CA ILE A 126 18.53 27.66 -12.62
C ILE A 126 18.96 29.06 -12.21
N LYS A 127 18.11 30.06 -12.50
CA LYS A 127 18.40 31.42 -12.06
C LYS A 127 18.56 31.53 -10.56
N GLN A 128 17.74 30.80 -9.83
CA GLN A 128 17.77 30.88 -8.37
C GLN A 128 18.95 30.14 -7.77
N ASN A 129 19.31 28.98 -8.30
CA ASN A 129 20.14 28.04 -7.57
C ASN A 129 21.46 27.68 -8.23
N VAL A 130 21.62 27.91 -9.54
CA VAL A 130 22.85 27.42 -10.16
C VAL A 130 23.87 28.55 -10.24
N PRO A 131 25.12 28.33 -9.87
CA PRO A 131 26.14 29.37 -9.96
C PRO A 131 26.38 29.81 -11.41
N GLN A 132 26.83 31.04 -11.60
CA GLN A 132 27.03 31.57 -12.94
C GLN A 132 27.80 30.59 -13.81
N ASN A 133 28.91 30.03 -13.31
CA ASN A 133 29.74 29.18 -14.16
C ASN A 133 29.09 27.85 -14.50
N GLY A 134 28.00 27.49 -13.85
CA GLY A 134 27.27 26.26 -14.16
C GLY A 134 26.03 26.50 -15.00
N LYS A 135 25.63 27.76 -15.22
CA LYS A 135 24.31 27.98 -15.83
C LYS A 135 24.20 27.44 -17.24
N ALA A 136 25.24 27.55 -18.06
CA ALA A 136 25.16 27.00 -19.42
C ALA A 136 24.91 25.51 -19.38
N ASP A 137 25.56 24.80 -18.45
CA ASP A 137 25.40 23.35 -18.42
C ASP A 137 23.97 22.96 -18.04
N TRP A 138 23.45 23.63 -17.02
CA TRP A 138 22.09 23.37 -16.54
C TRP A 138 21.06 23.80 -17.57
N GLU A 139 21.23 24.96 -18.21
CA GLU A 139 20.30 25.41 -19.24
C GLU A 139 20.29 24.43 -20.42
N ASN A 140 21.45 23.88 -20.76
CA ASN A 140 21.49 22.93 -21.88
C ASN A 140 20.60 21.73 -21.56
N GLU A 141 20.59 21.29 -20.31
CA GLU A 141 19.79 20.13 -19.92
C GLU A 141 18.31 20.48 -19.90
N ALA A 142 17.99 21.69 -19.41
CA ALA A 142 16.58 22.11 -19.43
C ALA A 142 16.05 22.18 -20.86
N LYS A 143 16.86 22.69 -21.79
CA LYS A 143 16.41 22.84 -23.18
C LYS A 143 16.30 21.52 -23.92
N GLN A 144 16.99 20.49 -23.44
CA GLN A 144 16.84 19.17 -24.04
C GLN A 144 15.69 18.38 -23.42
N TRP A 145 15.31 18.68 -22.19
CA TRP A 145 14.27 17.93 -21.51
C TRP A 145 12.92 18.07 -22.21
N ARG A 146 12.17 16.97 -22.29
CA ARG A 146 10.75 17.07 -22.61
C ARG A 146 9.96 16.20 -21.64
N LEU A 147 8.66 16.45 -21.54
CA LEU A 147 7.85 15.66 -20.61
C LEU A 147 7.91 14.19 -20.98
N PRO A 148 8.39 13.31 -20.11
CA PRO A 148 8.38 11.88 -20.44
C PRO A 148 6.96 11.32 -20.52
N TYR A 149 6.81 10.22 -21.26
CA TYR A 149 5.53 9.51 -21.32
C TYR A 149 5.60 8.22 -20.51
N TRP A 150 4.45 7.83 -19.98
CA TRP A 150 4.34 6.51 -19.37
C TRP A 150 3.81 5.51 -20.40
N ASP A 151 4.63 4.53 -20.77
CA ASP A 151 4.19 3.53 -21.72
C ASP A 151 3.44 2.44 -20.98
N PHE A 152 2.13 2.66 -20.84
CA PHE A 152 1.30 1.74 -20.08
C PHE A 152 1.15 0.38 -20.78
N ALA A 153 1.53 0.24 -22.04
CA ALA A 153 1.32 -0.99 -22.77
C ALA A 153 2.62 -1.75 -23.03
N ARG A 154 3.75 -1.25 -22.54
CA ARG A 154 5.05 -1.91 -22.75
C ARG A 154 5.39 -2.73 -21.52
N PHE A 155 5.91 -3.94 -21.73
CA PHE A 155 6.38 -4.68 -20.56
C PHE A 155 7.51 -3.92 -19.87
N ALA A 156 7.43 -3.82 -18.54
CA ALA A 156 8.40 -3.04 -17.76
C ALA A 156 9.74 -3.76 -17.70
N ARG A 157 10.81 -2.98 -17.75
CA ARG A 157 12.18 -3.48 -17.76
C ARG A 157 12.48 -4.24 -16.47
N ASP A 166 7.87 -9.25 -17.36
CA ASP A 166 6.74 -9.94 -17.98
C ASP A 166 5.40 -9.29 -17.68
N GLU A 167 5.41 -8.01 -17.28
CA GLU A 167 4.13 -7.41 -16.89
C GLU A 167 4.16 -5.91 -17.17
N LEU A 168 2.99 -5.34 -17.29
CA LEU A 168 2.78 -3.90 -17.44
C LEU A 168 2.89 -3.25 -16.06
N ARG A 169 3.44 -2.05 -15.95
CA ARG A 169 3.57 -1.41 -14.65
C ARG A 169 3.47 0.11 -14.71
N LEU A 170 3.05 0.70 -13.60
CA LEU A 170 3.21 2.15 -13.42
C LEU A 170 4.69 2.50 -13.50
N PRO A 171 5.04 3.74 -13.85
CA PRO A 171 6.46 4.10 -13.89
C PRO A 171 7.20 3.90 -12.58
N ILE A 172 8.48 3.51 -12.71
CA ILE A 172 9.34 3.40 -11.55
C ILE A 172 9.21 4.64 -10.68
N LEU A 173 9.41 5.80 -11.30
CA LEU A 173 9.51 7.05 -10.52
C LEU A 173 8.20 7.37 -9.79
N VAL A 174 7.05 7.02 -10.37
CA VAL A 174 5.77 7.28 -9.73
C VAL A 174 5.62 6.46 -8.47
N THR A 175 6.35 5.36 -8.36
CA THR A 175 6.21 4.47 -7.20
C THR A 175 7.19 4.80 -6.10
N MET A 176 7.95 5.89 -6.22
CA MET A 176 8.97 6.25 -5.24
C MET A 176 8.52 7.44 -4.40
N PRO A 177 8.35 7.26 -3.10
CA PRO A 177 8.01 8.43 -2.25
C PRO A 177 9.01 9.58 -2.28
N MET A 178 10.30 9.31 -2.40
CA MET A 178 11.37 10.28 -2.36
C MET A 178 12.29 10.10 -3.57
N VAL A 179 13.02 11.14 -3.89
CA VAL A 179 13.95 11.06 -5.03
C VAL A 179 15.18 11.87 -4.67
N LYS A 180 16.35 11.32 -4.98
CA LYS A 180 17.62 11.99 -4.76
C LYS A 180 17.89 12.97 -5.90
N VAL A 181 18.24 14.20 -5.52
CA VAL A 181 18.54 15.21 -6.53
C VAL A 181 19.91 15.84 -6.26
N LEU A 182 20.45 16.45 -7.30
CA LEU A 182 21.70 17.18 -7.16
C LEU A 182 21.45 18.51 -6.47
N VAL A 183 22.43 19.03 -5.75
CA VAL A 183 22.38 20.40 -5.26
C VAL A 183 23.40 21.24 -6.04
N PRO A 184 22.93 22.17 -6.87
CA PRO A 184 23.87 22.85 -7.76
C PRO A 184 24.92 23.59 -6.94
N GLY A 185 26.17 23.48 -7.39
CA GLY A 185 27.25 24.22 -6.71
C GLY A 185 27.75 23.47 -5.49
N GLN A 186 27.19 22.28 -5.20
CA GLN A 186 27.73 21.42 -4.15
C GLN A 186 27.97 20.03 -4.74
N PRO A 187 28.97 19.93 -5.60
CA PRO A 187 29.25 18.75 -6.42
C PRO A 187 29.34 17.47 -5.61
N GLY A 188 28.78 16.38 -6.14
CA GLY A 188 28.78 15.13 -5.42
C GLY A 188 27.80 15.13 -4.25
N LYS A 189 27.18 16.29 -3.96
CA LYS A 189 26.18 16.30 -2.90
C LYS A 189 24.78 16.08 -3.48
N GLN A 190 24.21 14.91 -3.18
CA GLN A 190 22.83 14.62 -3.54
C GLN A 190 21.93 14.64 -2.30
N LEU A 191 20.69 15.07 -2.46
CA LEU A 191 19.78 15.20 -1.32
C LEU A 191 18.49 14.46 -1.63
N SER A 192 17.87 13.84 -0.65
CA SER A 192 16.61 13.12 -0.86
C SER A 192 15.43 14.04 -0.62
N LYS A 193 14.52 14.19 -1.57
CA LYS A 193 13.39 15.10 -1.37
C LYS A 193 12.08 14.38 -1.69
N PRO A 194 10.97 14.86 -1.12
CA PRO A 194 9.68 14.27 -1.50
C PRO A 194 9.50 14.36 -3.00
N ASN A 195 9.03 13.25 -3.57
CA ASN A 195 8.88 13.16 -5.03
C ASN A 195 7.55 13.72 -5.51
N PRO A 196 7.57 14.80 -6.28
CA PRO A 196 6.30 15.42 -6.67
C PRO A 196 5.54 14.61 -7.71
N LEU A 197 6.13 13.55 -8.25
CA LEU A 197 5.40 12.64 -9.13
C LEU A 197 4.64 11.55 -8.37
N TYR A 198 4.96 11.36 -7.10
CA TYR A 198 4.36 10.29 -6.28
C TYR A 198 2.92 10.62 -5.90
N ARG A 199 2.67 11.91 -5.63
CA ARG A 199 1.35 12.38 -5.21
C ARG A 199 1.33 13.90 -5.32
N PHE A 200 0.13 14.46 -5.35
CA PHE A 200 -0.02 15.90 -5.12
C PHE A 200 -0.65 16.06 -3.73
N GLN A 201 0.06 16.72 -2.86
CA GLN A 201 -0.33 16.95 -1.48
C GLN A 201 -0.50 18.45 -1.25
N MET A 202 -1.69 18.79 -0.76
CA MET A 202 -1.97 20.14 -0.31
C MET A 202 -1.77 20.21 1.20
N GLN A 203 -1.86 21.42 1.74
CA GLN A 203 -1.63 21.61 3.17
C GLN A 203 -2.89 21.37 4.00
N THR A 204 -4.05 21.37 3.36
CA THR A 204 -5.34 21.15 4.00
C THR A 204 -6.22 20.24 3.15
N LEU A 205 -7.34 19.79 3.73
CA LEU A 205 -8.25 18.97 2.93
C LEU A 205 -8.81 19.79 1.77
N MET A 206 -8.94 19.17 0.60
CA MET A 206 -9.34 19.92 -0.60
C MET A 206 -10.73 20.47 -0.49
N GLY A 207 -11.60 19.89 0.35
CA GLY A 207 -12.90 20.47 0.56
C GLY A 207 -12.91 21.77 1.35
N THR A 208 -11.77 22.17 1.93
CA THR A 208 -11.69 23.35 2.77
C THR A 208 -10.89 24.49 2.16
N LEU A 209 -10.54 24.39 0.87
CA LEU A 209 -9.75 25.47 0.25
C LEU A 209 -10.55 26.75 0.13
N GLU A 210 -9.85 27.89 0.06
CA GLU A 210 -10.50 29.18 -0.05
C GLU A 210 -11.40 29.26 -1.28
N ARG A 211 -12.54 29.92 -1.15
CA ARG A 211 -13.42 30.16 -2.29
C ARG A 211 -12.66 30.87 -3.40
N PRO A 212 -12.88 30.56 -4.67
CA PRO A 212 -13.81 29.55 -5.16
C PRO A 212 -13.22 28.17 -5.42
N TYR A 213 -12.10 27.82 -4.78
CA TYR A 213 -11.30 26.68 -5.19
C TYR A 213 -11.63 25.38 -4.47
N ALA A 214 -12.45 25.38 -3.43
CA ALA A 214 -12.73 24.14 -2.71
C ALA A 214 -13.32 23.07 -3.62
N ILE A 215 -12.92 21.84 -3.35
CA ILE A 215 -13.54 20.66 -3.96
C ILE A 215 -14.75 20.25 -3.11
N THR A 216 -15.90 20.73 -3.53
CA THR A 216 -17.17 20.78 -2.83
C THR A 216 -18.14 21.68 -3.60
N SER A 226 -22.26 15.20 -1.75
CA SER A 226 -23.19 14.26 -2.36
C SER A 226 -22.50 13.14 -3.12
N PHE A 227 -21.31 13.35 -3.66
CA PHE A 227 -20.66 12.35 -4.52
C PHE A 227 -20.23 11.13 -3.72
N ASP A 228 -20.13 10.01 -4.42
CA ASP A 228 -19.97 8.72 -3.78
C ASP A 228 -18.56 8.51 -3.25
N LEU A 229 -17.59 9.32 -3.71
CA LEU A 229 -16.23 9.22 -3.20
C LEU A 229 -15.84 10.49 -2.43
N PRO A 230 -15.25 10.31 -1.25
CA PRO A 230 -15.00 11.44 -0.36
C PRO A 230 -13.78 12.27 -0.71
N PHE A 231 -13.73 12.77 -1.95
CA PHE A 231 -12.59 13.59 -2.37
C PHE A 231 -12.49 14.89 -1.59
N ASP A 232 -13.59 15.40 -1.05
CA ASP A 232 -13.47 16.61 -0.22
C ASP A 232 -12.66 16.33 1.05
N LYS A 233 -12.48 15.07 1.41
CA LYS A 233 -11.82 14.70 2.66
C LYS A 233 -10.38 14.28 2.42
N CYS A 234 -9.88 14.55 1.22
CA CYS A 234 -8.52 14.21 0.83
C CYS A 234 -7.64 15.45 0.86
N GLN A 235 -6.43 15.32 1.41
CA GLN A 235 -5.40 16.36 1.32
C GLN A 235 -4.46 16.03 0.17
N SER A 236 -4.30 14.74 -0.10
CA SER A 236 -3.42 14.17 -1.11
C SER A 236 -4.19 13.30 -2.10
N THR A 237 -3.69 13.26 -3.32
CA THR A 237 -4.17 12.26 -4.28
C THR A 237 -3.79 10.87 -3.81
N THR A 238 -4.57 9.88 -4.22
CA THR A 238 -4.42 8.49 -3.79
C THR A 238 -4.76 7.53 -4.92
N LYS A 239 -4.17 6.35 -4.87
CA LYS A 239 -4.47 5.24 -5.77
C LYS A 239 -5.00 4.09 -4.91
N TYR A 240 -6.28 3.74 -5.08
CA TYR A 240 -6.96 2.70 -4.33
C TYR A 240 -7.01 2.97 -2.83
N GLY A 241 -6.83 4.20 -2.35
CA GLY A 241 -6.65 4.47 -0.91
C GLY A 241 -7.98 4.69 -0.19
N LEU A 242 -9.06 4.96 -0.91
CA LEU A 242 -10.33 5.31 -0.27
C LEU A 242 -11.23 4.08 -0.20
N LEU A 243 -11.42 3.59 1.02
CA LEU A 243 -12.29 2.45 1.32
C LEU A 243 -13.26 2.83 2.44
N GLU A 244 -14.50 2.37 2.31
CA GLU A 244 -15.52 2.51 3.35
C GLU A 244 -15.09 1.74 4.58
N ASN A 245 -15.53 2.17 5.76
CA ASN A 245 -15.35 1.37 6.97
C ASN A 245 -13.95 1.51 7.57
N TYR A 246 -13.24 2.56 7.18
CA TYR A 246 -12.02 2.99 7.88
C TYR A 246 -12.27 4.39 8.38
N ASN A 247 -11.47 4.82 9.36
CA ASN A 247 -11.65 6.17 9.92
C ASN A 247 -11.46 7.21 8.82
N ALA A 248 -12.29 8.23 8.81
CA ALA A 248 -12.25 9.24 7.76
C ALA A 248 -10.90 9.93 7.67
N ASP A 249 -10.15 9.97 8.78
CA ASP A 249 -8.83 10.57 8.77
C ASP A 249 -7.85 9.78 7.90
N VAL A 250 -8.15 8.52 7.64
CA VAL A 250 -7.32 7.73 6.72
C VAL A 250 -7.46 8.27 5.30
N TRP A 251 -8.62 8.84 4.96
CA TRP A 251 -8.85 9.35 3.62
C TRP A 251 -8.06 10.61 3.34
N ALA A 252 -7.58 11.28 4.37
CA ALA A 252 -6.79 12.50 4.11
C ALA A 252 -5.64 12.17 3.15
N ASP A 253 -4.99 11.03 3.34
CA ASP A 253 -3.95 10.55 2.43
C ASP A 253 -4.02 9.01 2.44
N GLY A 254 -4.74 8.48 1.46
CA GLY A 254 -4.98 7.04 1.40
C GLY A 254 -3.78 6.25 0.87
N GLY A 255 -2.70 6.92 0.50
CA GLY A 255 -1.49 6.24 0.05
C GLY A 255 -1.54 5.94 -1.43
N GLN A 256 -0.46 5.35 -1.90
CA GLN A 256 -0.28 5.01 -3.31
C GLN A 256 -0.15 3.50 -3.42
N ASN A 257 -1.29 2.84 -3.67
CA ASN A 257 -1.23 1.38 -3.73
C ASN A 257 -0.84 0.98 -5.16
N TRP A 258 0.43 1.20 -5.49
CA TRP A 258 0.90 0.99 -6.84
C TRP A 258 0.95 -0.50 -7.19
N LEU A 259 1.12 -1.38 -6.21
CA LEU A 259 1.04 -2.82 -6.51
C LEU A 259 -0.36 -3.21 -6.97
N ARG A 260 -1.38 -2.67 -6.34
CA ARG A 260 -2.77 -2.93 -6.73
C ARG A 260 -3.07 -2.29 -8.08
N ALA A 261 -2.56 -1.09 -8.36
CA ALA A 261 -2.72 -0.48 -9.68
C ALA A 261 -2.05 -1.35 -10.74
N ASN A 262 -0.83 -1.83 -10.45
CA ASN A 262 -0.17 -2.71 -11.43
C ASN A 262 -1.01 -3.96 -11.71
N LEU A 263 -1.59 -4.55 -10.66
CA LEU A 263 -2.45 -5.72 -10.88
C LEU A 263 -3.61 -5.42 -11.83
N ALA A 264 -4.31 -4.32 -11.60
CA ALA A 264 -5.40 -3.88 -12.47
C ALA A 264 -4.91 -3.67 -13.90
N LEU A 265 -3.75 -3.05 -14.08
CA LEU A 265 -3.19 -2.73 -15.39
C LEU A 265 -2.93 -3.99 -16.21
N ASN A 266 -2.66 -5.10 -15.51
CA ASN A 266 -2.44 -6.40 -16.16
C ASN A 266 -3.69 -7.25 -16.30
N GLU A 267 -4.85 -6.61 -16.25
CA GLU A 267 -6.11 -7.29 -16.45
C GLU A 267 -6.09 -8.16 -17.71
N HIS A 268 -6.61 -9.38 -17.52
CA HIS A 268 -6.73 -10.34 -18.62
C HIS A 268 -7.84 -11.32 -18.24
N PRO A 269 -8.28 -12.19 -19.12
CA PRO A 269 -9.31 -13.17 -18.75
C PRO A 269 -8.88 -14.04 -17.55
N TRP A 270 -9.87 -14.34 -16.71
CA TRP A 270 -9.71 -15.20 -15.53
C TRP A 270 -9.05 -16.53 -15.85
N TYR A 271 -9.40 -17.17 -16.96
CA TYR A 271 -8.89 -18.53 -17.22
C TYR A 271 -7.36 -18.54 -17.33
N GLN A 272 -6.74 -17.42 -17.67
CA GLN A 272 -5.30 -17.40 -17.87
C GLN A 272 -4.55 -17.48 -16.54
N ASN A 273 -5.25 -17.41 -15.41
CA ASN A 273 -4.57 -17.71 -14.16
C ASN A 273 -4.65 -19.17 -13.77
N LEU A 274 -5.30 -19.99 -14.57
CA LEU A 274 -5.30 -21.42 -14.26
C LEU A 274 -3.96 -22.04 -14.64
N ASP A 275 -3.63 -23.11 -13.90
CA ASP A 275 -2.37 -23.79 -14.15
C ASP A 275 -2.32 -24.25 -15.60
N GLY A 276 -1.24 -23.94 -16.30
CA GLY A 276 -1.02 -24.46 -17.64
C GLY A 276 -1.22 -23.44 -18.74
N TRP A 277 -1.81 -22.30 -18.39
CA TRP A 277 -2.17 -21.28 -19.38
C TRP A 277 -1.21 -20.09 -19.32
N ASP A 278 -0.79 -19.59 -20.48
CA ASP A 278 -0.04 -18.34 -20.45
C ASP A 278 -1.01 -17.17 -20.46
N SER A 279 -0.59 -16.01 -19.97
CA SER A 279 -1.47 -14.84 -20.06
C SER A 279 -0.94 -13.80 -21.03
N VAL A 280 -1.87 -12.93 -21.43
CA VAL A 280 -1.56 -11.79 -22.28
C VAL A 280 -2.36 -10.60 -21.75
N PRO A 281 -1.70 -9.54 -21.32
CA PRO A 281 -2.46 -8.42 -20.75
C PRO A 281 -3.35 -7.78 -21.81
N THR A 282 -4.64 -7.64 -21.52
CA THR A 282 -5.60 -7.08 -22.48
C THR A 282 -5.19 -5.70 -22.92
N LEU A 283 -4.64 -4.89 -22.03
CA LEU A 283 -4.24 -3.53 -22.41
C LEU A 283 -3.22 -3.55 -23.52
N GLN A 284 -2.30 -4.52 -23.49
CA GLN A 284 -1.29 -4.51 -24.54
C GLN A 284 -1.92 -4.95 -25.86
N ASP A 285 -2.78 -5.96 -25.86
CA ASP A 285 -3.50 -6.40 -27.05
C ASP A 285 -4.34 -5.26 -27.62
N MET A 286 -5.08 -4.55 -26.76
CA MET A 286 -5.89 -3.44 -27.24
C MET A 286 -5.02 -2.38 -27.90
N THR A 287 -3.86 -2.07 -27.31
CA THR A 287 -3.00 -1.01 -27.86
C THR A 287 -2.39 -1.43 -29.19
N PHE A 288 -1.98 -2.69 -29.27
CA PHE A 288 -1.45 -3.26 -30.52
C PHE A 288 -2.51 -3.17 -31.61
N ARG A 289 -3.74 -3.57 -31.29
CA ARG A 289 -4.83 -3.49 -32.27
C ARG A 289 -5.14 -2.06 -32.67
N LEU A 290 -5.17 -1.15 -31.72
CA LEU A 290 -5.38 0.25 -32.03
C LEU A 290 -4.37 0.75 -33.05
N LEU A 291 -3.10 0.38 -32.83
CA LEU A 291 -2.07 0.99 -33.69
C LEU A 291 -1.97 0.29 -35.02
N THR A 292 -2.37 -0.97 -35.14
CA THR A 292 -2.10 -1.70 -36.37
C THR A 292 -3.33 -1.91 -37.24
N THR A 293 -4.53 -1.78 -36.69
CA THR A 293 -5.72 -1.97 -37.53
C THR A 293 -5.86 -0.81 -38.51
N GLY A 294 -5.85 -1.12 -39.80
CA GLY A 294 -5.96 -0.09 -40.82
C GLY A 294 -7.42 0.23 -41.12
N GLY A 295 -7.66 1.36 -41.75
CA GLY A 295 -8.95 1.69 -42.32
C GLY A 295 -9.93 2.39 -41.41
N LEU A 296 -9.54 2.77 -40.20
CA LEU A 296 -10.42 3.61 -39.38
C LEU A 296 -10.37 5.05 -39.85
N ASN A 297 -11.52 5.72 -39.80
CA ASN A 297 -11.45 7.17 -40.00
C ASN A 297 -11.20 7.85 -38.66
N TRP A 298 -10.91 9.15 -38.71
CA TRP A 298 -10.57 9.91 -37.51
C TRP A 298 -11.67 9.80 -36.47
N GLY A 299 -12.93 9.86 -36.88
CA GLY A 299 -14.08 9.75 -35.99
C GLY A 299 -14.07 8.45 -35.22
N GLU A 300 -13.70 7.35 -35.88
CA GLU A 300 -13.65 6.06 -35.19
C GLU A 300 -12.46 5.98 -34.26
N PHE A 301 -11.29 6.46 -34.66
CA PHE A 301 -10.09 6.30 -33.82
C PHE A 301 -10.09 7.21 -32.59
N SER A 302 -10.55 8.45 -32.77
CA SER A 302 -10.25 9.53 -31.84
C SER A 302 -11.03 9.48 -30.54
N SER A 303 -12.16 8.78 -30.48
CA SER A 303 -13.09 9.02 -29.37
C SER A 303 -13.97 7.80 -29.16
N THR A 304 -14.55 7.69 -27.96
CA THR A 304 -15.65 6.77 -27.72
C THR A 304 -16.94 7.23 -28.38
N ARG A 305 -17.00 8.47 -28.86
CA ARG A 305 -18.29 9.01 -29.33
C ARG A 305 -18.89 8.17 -30.46
N TYR A 306 -20.16 7.82 -30.27
CA TYR A 306 -20.92 7.16 -31.33
C TYR A 306 -22.17 7.98 -31.63
N ASP A 307 -22.19 8.59 -32.81
CA ASP A 307 -23.28 9.49 -33.19
C ASP A 307 -24.12 8.72 -34.21
N ASP A 308 -25.36 8.48 -33.84
CA ASP A 308 -26.33 7.68 -34.57
C ASP A 308 -26.70 8.34 -35.90
N ALA A 321 -19.65 0.18 -37.68
CA ALA A 321 -18.95 -1.09 -37.89
C ALA A 321 -18.14 -1.46 -36.65
N PRO A 322 -18.66 -2.40 -35.88
CA PRO A 322 -18.12 -2.86 -34.60
C PRO A 322 -16.63 -3.19 -34.64
N LYS A 323 -16.15 -3.74 -35.75
CA LYS A 323 -14.72 -3.96 -35.95
C LYS A 323 -13.91 -2.70 -35.71
N ASN A 324 -14.52 -1.55 -35.95
CA ASN A 324 -13.82 -0.27 -35.86
C ASN A 324 -14.08 0.47 -34.56
N TRP A 325 -14.59 -0.21 -33.53
CA TRP A 325 -14.87 0.43 -32.25
C TRP A 325 -13.70 0.39 -31.28
N MET A 326 -12.53 -0.13 -31.65
CA MET A 326 -11.38 -0.06 -30.75
C MET A 326 -10.79 1.34 -30.90
N ASN A 327 -10.96 2.19 -29.90
CA ASN A 327 -10.59 3.59 -30.08
C ASN A 327 -9.68 4.03 -28.94
N LEU A 328 -9.05 5.18 -29.17
CA LEU A 328 -8.02 5.72 -28.29
C LEU A 328 -8.60 6.05 -26.93
N GLU A 329 -9.79 6.64 -26.94
CA GLU A 329 -10.39 7.15 -25.70
C GLU A 329 -10.86 6.03 -24.79
N ALA A 330 -11.38 4.94 -25.37
CA ALA A 330 -11.78 3.79 -24.56
C ALA A 330 -10.60 3.16 -23.83
N ILE A 331 -9.48 3.01 -24.53
CA ILE A 331 -8.29 2.47 -23.86
C ILE A 331 -7.87 3.39 -22.74
N HIS A 332 -7.85 4.69 -23.04
CA HIS A 332 -7.54 5.71 -22.04
C HIS A 332 -8.45 5.63 -20.82
N ASN A 333 -9.74 5.40 -21.02
CA ASN A 333 -10.71 5.31 -19.95
C ASN A 333 -10.41 4.14 -19.02
N ASN A 334 -10.09 2.97 -19.59
CA ASN A 334 -9.77 1.84 -18.72
C ASN A 334 -8.50 2.09 -17.93
N VAL A 335 -7.51 2.74 -18.53
CA VAL A 335 -6.27 3.04 -17.81
C VAL A 335 -6.58 3.94 -16.62
N HIS A 336 -7.46 4.95 -16.78
CA HIS A 336 -7.83 5.79 -15.63
C HIS A 336 -8.37 4.95 -14.48
N ASN A 337 -9.28 4.04 -14.78
CA ASN A 337 -9.85 3.18 -13.73
C ASN A 337 -8.76 2.31 -13.10
N TRP A 338 -7.92 1.69 -13.95
CA TRP A 338 -6.92 0.76 -13.41
C TRP A 338 -5.89 1.44 -12.52
N VAL A 339 -5.54 2.69 -12.82
CA VAL A 339 -4.56 3.39 -11.97
C VAL A 339 -5.16 3.80 -10.64
N GLY A 340 -6.38 4.32 -10.66
CA GLY A 340 -6.92 4.98 -9.48
C GLY A 340 -7.80 4.10 -8.61
N GLY A 341 -8.58 3.18 -9.20
CA GLY A 341 -9.64 2.47 -8.48
C GLY A 341 -10.91 3.30 -8.42
N PHE A 342 -12.09 2.70 -8.56
CA PHE A 342 -13.32 3.48 -8.46
C PHE A 342 -14.28 2.94 -7.40
N MET A 343 -14.04 1.74 -6.88
CA MET A 343 -15.00 1.15 -5.92
C MET A 343 -14.60 1.45 -4.47
N PHE A 344 -15.48 2.18 -3.80
CA PHE A 344 -15.27 2.57 -2.41
C PHE A 344 -15.57 1.45 -1.43
N SER A 345 -16.47 0.56 -1.84
CA SER A 345 -16.95 -0.47 -0.93
C SER A 345 -17.22 -1.76 -1.71
N ARG A 346 -17.51 -2.81 -0.98
CA ARG A 346 -17.99 -4.06 -1.56
C ARG A 346 -18.97 -4.69 -0.57
N PRO A 347 -20.09 -5.24 -1.02
CA PRO A 347 -21.00 -5.91 -0.09
C PRO A 347 -20.38 -7.18 0.48
N GLY A 348 -20.95 -7.72 1.54
CA GLY A 348 -20.60 -9.05 2.00
C GLY A 348 -19.35 -9.13 2.85
N ARG A 349 -18.88 -10.36 3.06
CA ARG A 349 -17.69 -10.58 3.88
C ARG A 349 -16.49 -10.93 3.01
N HIS A 350 -15.42 -10.15 3.15
CA HIS A 350 -14.18 -10.35 2.43
C HIS A 350 -12.95 -10.03 3.26
N ASP A 351 -12.13 -11.05 3.48
CA ASP A 351 -10.83 -10.83 4.13
C ASP A 351 -9.89 -10.08 3.21
N LEU A 352 -9.71 -10.61 2.00
CA LEU A 352 -8.87 -9.95 1.01
C LEU A 352 -9.65 -8.83 0.34
N LYS A 353 -9.16 -7.60 0.52
CA LYS A 353 -9.91 -6.42 0.08
C LYS A 353 -9.23 -5.83 -1.15
N LEU A 354 -9.81 -6.17 -2.30
CA LEU A 354 -9.27 -5.79 -3.59
C LEU A 354 -9.83 -4.49 -4.11
N TRP A 355 -10.76 -3.87 -3.41
CA TRP A 355 -11.36 -2.61 -3.87
C TRP A 355 -10.59 -1.42 -3.29
N GLY A 356 -11.18 -0.23 -3.44
CA GLY A 356 -10.50 1.01 -3.06
C GLY A 356 -10.50 1.99 -4.21
N ALA A 357 -10.71 3.27 -3.89
CA ALA A 357 -10.93 4.26 -4.92
C ALA A 357 -9.84 5.34 -4.83
N GLY A 358 -9.68 6.04 -5.95
CA GLY A 358 -8.63 7.03 -6.08
C GLY A 358 -8.89 7.99 -7.21
N HIS A 359 -8.14 9.09 -7.19
CA HIS A 359 -8.42 10.25 -8.04
C HIS A 359 -8.45 9.93 -9.52
N MET A 360 -7.54 9.07 -9.99
CA MET A 360 -7.49 8.87 -11.45
C MET A 360 -8.75 8.23 -12.03
N SER A 361 -9.62 7.60 -11.25
CA SER A 361 -10.82 7.04 -11.83
C SER A 361 -11.90 8.09 -12.10
N SER A 362 -11.72 9.31 -11.64
CA SER A 362 -12.81 10.27 -11.51
C SER A 362 -12.57 11.53 -12.32
N VAL A 363 -13.32 11.78 -13.37
CA VAL A 363 -13.05 12.90 -14.27
C VAL A 363 -12.83 14.20 -13.50
N PRO A 364 -13.69 14.54 -12.53
CA PRO A 364 -13.53 15.84 -11.87
C PRO A 364 -12.21 16.06 -11.13
N VAL A 365 -11.50 15.01 -10.72
CA VAL A 365 -10.26 15.20 -9.94
C VAL A 365 -9.08 14.43 -10.49
N ALA A 366 -9.21 13.70 -11.59
CA ALA A 366 -8.10 12.86 -12.03
C ALA A 366 -6.86 13.68 -12.33
N ALA A 367 -6.99 14.92 -12.81
CA ALA A 367 -5.81 15.69 -13.23
C ALA A 367 -4.91 16.07 -12.06
N TYR A 368 -5.40 15.98 -10.83
CA TYR A 368 -4.58 16.25 -9.66
C TYR A 368 -3.53 15.18 -9.46
N ASP A 369 -3.75 13.92 -9.90
CA ASP A 369 -2.70 12.93 -9.69
C ASP A 369 -1.58 13.13 -10.71
N PRO A 370 -0.33 13.30 -10.30
CA PRO A 370 0.74 13.59 -11.27
C PRO A 370 0.88 12.56 -12.38
N ILE A 371 0.42 11.33 -12.20
CA ILE A 371 0.49 10.36 -13.30
C ILE A 371 -0.43 10.72 -14.45
N PHE A 372 -1.45 11.51 -14.17
CA PHE A 372 -2.40 11.95 -15.20
C PHE A 372 -1.66 12.44 -16.44
N TRP A 373 -0.65 13.29 -16.20
CA TRP A 373 0.03 13.98 -17.28
C TRP A 373 0.89 13.01 -18.07
N LEU A 374 1.43 12.00 -17.40
CA LEU A 374 2.29 11.00 -18.06
C LEU A 374 1.42 10.05 -18.87
N HIS A 375 0.23 9.70 -18.33
CA HIS A 375 -0.76 8.95 -19.13
C HIS A 375 -1.14 9.73 -20.38
N HIS A 376 -1.49 11.00 -20.22
CA HIS A 376 -1.88 11.79 -21.35
C HIS A 376 -0.71 12.01 -22.32
N CYS A 377 0.52 12.01 -21.82
CA CYS A 377 1.66 12.10 -22.72
C CYS A 377 1.69 10.88 -23.62
N ASN A 378 1.44 9.70 -23.06
CA ASN A 378 1.38 8.50 -23.92
C ASN A 378 0.16 8.50 -24.83
N ILE A 379 -0.96 9.03 -24.38
CA ILE A 379 -2.12 9.14 -25.28
C ILE A 379 -1.79 10.02 -26.46
N ASP A 380 -1.01 11.09 -26.20
CA ASP A 380 -0.55 11.95 -27.30
C ASP A 380 0.37 11.20 -28.25
N ARG A 381 1.26 10.39 -27.71
CA ARG A 381 2.19 9.56 -28.46
C ARG A 381 1.43 8.55 -29.31
N LEU A 382 0.43 7.87 -28.75
CA LEU A 382 -0.39 6.94 -29.54
C LEU A 382 -1.10 7.65 -30.68
N THR A 383 -1.62 8.83 -30.42
CA THR A 383 -2.20 9.67 -31.49
C THR A 383 -1.18 9.93 -32.57
N ALA A 384 0.03 10.34 -32.21
CA ALA A 384 1.07 10.66 -33.20
C ALA A 384 1.42 9.42 -34.00
N ILE A 385 1.54 8.27 -33.36
CA ILE A 385 1.83 7.03 -34.07
C ILE A 385 0.71 6.74 -35.06
N TRP A 386 -0.53 6.83 -34.57
CA TRP A 386 -1.65 6.50 -35.45
C TRP A 386 -1.71 7.45 -36.62
N GLN A 387 -1.49 8.74 -36.35
CA GLN A 387 -1.45 9.70 -37.45
C GLN A 387 -0.40 9.33 -38.49
N THR A 388 0.76 8.87 -38.03
CA THR A 388 1.85 8.56 -38.94
C THR A 388 1.49 7.43 -39.89
N VAL A 389 0.76 6.45 -39.37
CA VAL A 389 0.40 5.34 -40.23
C VAL A 389 -0.98 5.51 -40.85
N ASN A 390 -1.66 6.62 -40.57
CA ASN A 390 -2.97 6.88 -41.16
C ASN A 390 -3.04 8.32 -41.66
N SER A 391 -2.10 8.70 -42.52
CA SER A 391 -1.81 10.12 -42.73
C SER A 391 -2.92 10.94 -43.35
N GLY A 392 -3.85 10.39 -44.13
CA GLY A 392 -4.91 11.29 -44.61
C GLY A 392 -6.14 11.25 -43.73
N SER A 393 -6.09 10.63 -42.55
CA SER A 393 -7.32 10.49 -41.78
C SER A 393 -7.41 11.49 -40.62
N TRP A 394 -7.83 12.72 -40.93
CA TRP A 394 -7.79 13.82 -39.97
C TRP A 394 -9.06 14.65 -40.07
N PHE A 395 -9.97 14.45 -39.13
CA PHE A 395 -11.25 15.14 -39.13
C PHE A 395 -11.90 15.17 -40.50
N ASN A 396 -11.81 14.10 -41.28
CA ASN A 396 -12.37 14.27 -42.65
C ASN A 396 -13.34 13.17 -43.01
N ASP A 397 -13.97 12.58 -41.99
CA ASP A 397 -15.21 11.83 -42.21
C ASP A 397 -16.41 12.71 -41.89
N ASP A 398 -17.58 12.33 -42.37
CA ASP A 398 -18.77 13.16 -42.20
C ASP A 398 -19.21 13.33 -40.75
N LYS A 399 -18.75 12.48 -39.85
CA LYS A 399 -19.08 12.67 -38.44
C LYS A 399 -18.13 13.67 -37.77
N SER A 400 -16.82 13.50 -37.92
CA SER A 400 -15.85 14.31 -37.18
C SER A 400 -15.57 15.67 -37.82
N LYS A 401 -15.87 15.88 -39.10
CA LYS A 401 -15.47 17.12 -39.76
C LYS A 401 -16.05 18.34 -39.03
N VAL A 402 -17.25 18.16 -38.49
CA VAL A 402 -18.02 19.14 -37.76
C VAL A 402 -17.19 19.78 -36.65
N SER A 403 -16.45 18.95 -35.93
CA SER A 403 -15.72 19.36 -34.74
C SER A 403 -14.33 19.91 -35.04
N LYS A 404 -13.85 19.78 -36.27
CA LYS A 404 -12.47 20.11 -36.59
C LYS A 404 -12.10 21.53 -36.18
N ASP A 405 -12.99 22.49 -36.39
CA ASP A 405 -12.66 23.89 -36.08
C ASP A 405 -13.13 24.35 -34.72
N ASP A 406 -13.51 23.44 -33.83
CA ASP A 406 -13.87 23.88 -32.49
C ASP A 406 -12.73 24.66 -31.85
N ASP A 407 -13.01 25.80 -31.20
CA ASP A 407 -11.99 26.39 -30.34
C ASP A 407 -11.66 25.50 -29.15
N LEU A 408 -10.37 25.26 -28.92
CA LEU A 408 -9.94 24.41 -27.79
C LEU A 408 -9.75 25.30 -26.56
N ARG A 409 -10.89 25.83 -26.10
CA ARG A 409 -10.85 26.67 -24.90
C ARG A 409 -10.26 25.88 -23.75
N PRO A 410 -9.50 26.43 -22.82
CA PRO A 410 -9.20 27.86 -22.70
C PRO A 410 -7.83 28.26 -23.24
N PHE A 411 -7.27 27.49 -24.17
CA PHE A 411 -5.88 27.64 -24.54
C PHE A 411 -5.67 28.70 -25.63
N HIS A 412 -4.84 29.68 -25.33
CA HIS A 412 -4.53 30.77 -26.25
C HIS A 412 -3.23 30.60 -27.03
N ARG A 413 -3.20 31.15 -28.23
CA ARG A 413 -2.02 31.28 -29.06
C ARG A 413 -2.07 32.61 -29.82
N PHE A 414 -0.92 33.02 -30.36
CA PHE A 414 -0.90 34.25 -31.16
C PHE A 414 -1.04 33.89 -32.64
N CYS A 415 -2.00 34.50 -33.33
CA CYS A 415 -2.19 34.27 -34.77
C CYS A 415 -1.31 35.20 -35.57
N GLU A 416 -0.38 34.65 -36.34
CA GLU A 416 0.55 35.50 -37.08
C GLU A 416 -0.12 36.24 -38.23
N LYS A 417 -1.27 35.77 -38.70
CA LYS A 417 -1.92 36.31 -39.88
C LYS A 417 -2.65 37.62 -39.55
N THR A 418 -3.31 37.62 -38.41
CA THR A 418 -4.12 38.75 -37.97
C THR A 418 -3.45 39.52 -36.83
N ARG A 419 -2.36 38.96 -36.32
CA ARG A 419 -1.71 39.52 -35.14
C ARG A 419 -2.76 39.71 -34.05
N LYS A 420 -3.49 38.64 -33.76
CA LYS A 420 -4.48 38.62 -32.69
C LYS A 420 -4.24 37.38 -31.82
N VAL A 421 -4.59 37.49 -30.54
CA VAL A 421 -4.66 36.29 -29.71
C VAL A 421 -5.94 35.52 -30.07
N VAL A 422 -5.83 34.21 -30.21
CA VAL A 422 -6.99 33.39 -30.56
C VAL A 422 -6.94 32.11 -29.74
N PHE A 423 -8.00 31.32 -29.76
CA PHE A 423 -7.89 29.97 -29.22
C PHE A 423 -7.18 29.02 -30.16
N PHE A 424 -6.47 28.06 -29.56
CA PHE A 424 -6.02 26.90 -30.30
C PHE A 424 -7.17 26.20 -31.02
N ARG A 425 -6.84 25.65 -32.17
CA ARG A 425 -7.75 24.76 -32.90
C ARG A 425 -7.03 23.49 -33.32
N SER A 426 -7.75 22.43 -33.63
CA SER A 426 -7.11 21.14 -33.86
C SER A 426 -6.08 21.20 -34.98
N ASP A 427 -6.37 21.92 -36.07
CA ASP A 427 -5.42 21.96 -37.18
C ASP A 427 -4.08 22.55 -36.73
N ASP A 428 -4.07 23.37 -35.68
CA ASP A 428 -2.84 23.99 -35.22
C ASP A 428 -1.87 22.97 -34.64
N VAL A 429 -2.41 21.81 -34.24
CA VAL A 429 -1.56 20.82 -33.60
C VAL A 429 -1.60 19.49 -34.33
N LYS A 430 -2.06 19.49 -35.57
CA LYS A 430 -1.97 18.29 -36.40
C LYS A 430 -0.52 17.81 -36.49
N ASP A 431 0.41 18.71 -36.79
CA ASP A 431 1.82 18.38 -36.67
C ASP A 431 2.30 18.74 -35.26
N TRP A 432 2.41 17.72 -34.41
CA TRP A 432 2.85 17.91 -33.03
C TRP A 432 4.25 18.54 -33.00
N ARG A 433 5.05 18.37 -34.04
CA ARG A 433 6.41 18.92 -34.08
C ARG A 433 6.41 20.44 -34.11
N SER A 434 5.27 21.03 -34.48
CA SER A 434 5.13 22.49 -34.45
C SER A 434 5.23 23.02 -33.02
N LEU A 435 4.97 22.15 -32.04
CA LEU A 435 5.12 22.49 -30.63
C LEU A 435 6.50 22.12 -30.08
N ASN A 436 7.41 21.75 -30.99
CA ASN A 436 8.82 21.55 -30.69
C ASN A 436 9.05 20.39 -29.72
N TYR A 437 8.33 19.28 -29.94
CA TYR A 437 8.70 18.01 -29.34
C TYR A 437 8.43 16.90 -30.35
N ASP A 438 8.99 15.72 -30.08
CA ASP A 438 8.77 14.58 -30.97
C ASP A 438 8.84 13.32 -30.11
N TYR A 439 8.54 12.19 -30.72
CA TYR A 439 8.70 10.88 -30.09
C TYR A 439 9.72 10.07 -30.90
N ALA A 440 10.54 9.28 -30.23
CA ALA A 440 11.49 8.45 -30.93
C ALA A 440 10.83 7.63 -32.03
N ILE A 441 9.64 7.12 -31.73
CA ILE A 441 8.98 6.19 -32.62
C ILE A 441 8.47 6.85 -33.88
N THR A 442 8.20 8.15 -33.84
CA THR A 442 7.73 8.87 -35.03
C THR A 442 8.85 9.61 -35.74
N LYS A 443 10.09 9.46 -35.28
CA LYS A 443 11.22 9.96 -36.05
C LYS A 443 11.55 9.18 -37.31
N ASP A 444 11.28 7.89 -37.35
CA ASP A 444 11.55 7.09 -38.55
C ASP A 444 10.30 6.26 -38.88
N ALA A 445 9.45 6.85 -39.71
CA ALA A 445 8.24 6.24 -40.19
C ALA A 445 8.48 4.86 -40.78
N SER A 446 9.63 4.68 -41.43
CA SER A 446 9.94 3.46 -42.15
C SER A 446 10.06 2.25 -41.24
N ARG A 447 10.39 2.47 -39.96
CA ARG A 447 10.51 1.32 -39.06
C ARG A 447 9.35 1.23 -38.07
N ILE A 448 8.30 2.02 -38.29
CA ILE A 448 7.30 2.16 -37.23
C ILE A 448 6.50 0.88 -37.08
N ARG A 449 6.21 0.20 -38.17
CA ARG A 449 5.42 -1.03 -38.04
C ARG A 449 6.16 -2.08 -37.22
N LYS A 450 7.46 -2.20 -37.47
CA LYS A 450 8.31 -3.13 -36.72
C LYS A 450 8.46 -2.72 -35.27
N GLU A 451 8.66 -1.43 -34.97
CA GLU A 451 8.70 -1.00 -33.58
C GLU A 451 7.38 -1.28 -32.88
N ILE A 452 6.25 -1.02 -33.53
CA ILE A 452 4.98 -1.32 -32.87
C ILE A 452 4.88 -2.79 -32.52
N SER A 453 5.31 -3.66 -33.43
CA SER A 453 5.32 -5.10 -33.19
C SER A 453 6.27 -5.49 -32.07
N ASP A 454 7.47 -4.91 -32.07
CA ASP A 454 8.42 -5.29 -31.02
C ASP A 454 7.93 -4.88 -29.63
N LEU A 455 7.27 -3.73 -29.56
CA LEU A 455 6.78 -3.22 -28.28
C LEU A 455 5.46 -3.84 -27.85
N TYR A 456 4.51 -4.03 -28.77
CA TYR A 456 3.17 -4.36 -28.28
C TYR A 456 2.62 -5.64 -28.90
N GLY A 457 3.33 -6.26 -29.84
CA GLY A 457 2.80 -7.53 -30.35
C GLY A 457 3.37 -8.73 -29.62
N GLU A 470 -9.86 -17.93 -36.71
CA GLU A 470 -10.90 -16.93 -36.55
C GLU A 470 -10.61 -16.01 -35.36
N ASP A 471 -10.79 -14.72 -35.60
CA ASP A 471 -10.77 -13.76 -34.52
C ASP A 471 -12.17 -13.60 -33.96
N TYR A 472 -12.25 -13.31 -32.68
CA TYR A 472 -13.50 -12.95 -32.02
C TYR A 472 -13.26 -11.63 -31.30
N ILE A 473 -14.21 -10.74 -31.40
CA ILE A 473 -14.19 -9.50 -30.65
C ILE A 473 -15.53 -9.24 -29.98
N LEU A 474 -15.48 -8.53 -28.85
CA LEU A 474 -16.70 -8.07 -28.19
C LEU A 474 -16.91 -6.59 -28.54
N SER A 475 -18.12 -6.24 -28.95
CA SER A 475 -18.47 -4.84 -29.09
C SER A 475 -19.30 -4.41 -27.89
N ILE A 476 -19.09 -3.19 -27.45
CA ILE A 476 -19.83 -2.64 -26.32
C ILE A 476 -20.31 -1.24 -26.68
N ARG A 477 -21.61 -0.99 -26.61
CA ARG A 477 -22.16 0.35 -26.81
C ARG A 477 -23.02 0.73 -25.61
N TYR A 478 -22.76 1.91 -25.05
CA TYR A 478 -23.34 2.26 -23.75
C TYR A 478 -23.59 3.75 -23.69
N SER A 479 -24.45 4.19 -22.76
CA SER A 479 -24.57 5.61 -22.49
C SER A 479 -23.71 5.99 -21.30
N ARG A 480 -22.85 7.00 -21.44
CA ARG A 480 -22.12 7.54 -20.29
C ARG A 480 -23.06 7.99 -19.17
N TYR A 481 -24.32 8.24 -19.53
CA TYR A 481 -25.28 8.75 -18.55
C TYR A 481 -26.26 7.68 -18.13
N ALA A 482 -25.91 6.40 -18.27
CA ALA A 482 -26.83 5.33 -17.87
C ALA A 482 -27.19 5.42 -16.39
N LEU A 483 -26.26 5.92 -15.59
CA LEU A 483 -26.50 6.16 -14.16
C LEU A 483 -26.48 7.64 -13.85
N GLY A 484 -26.99 8.45 -14.79
CA GLY A 484 -27.11 9.88 -14.53
C GLY A 484 -25.79 10.61 -14.59
N GLY A 485 -24.73 9.95 -15.03
CA GLY A 485 -23.42 10.56 -15.15
C GLY A 485 -22.41 9.96 -14.19
N LYS A 486 -22.90 9.21 -13.19
CA LYS A 486 -21.98 8.51 -12.31
C LYS A 486 -21.13 7.51 -13.08
N PRO A 487 -19.92 7.23 -12.62
CA PRO A 487 -19.12 6.18 -13.26
C PRO A 487 -19.66 4.79 -12.96
N PHE A 488 -19.29 3.86 -13.84
CA PHE A 488 -19.60 2.45 -13.64
C PHE A 488 -18.64 1.61 -14.48
N GLN A 489 -18.60 0.32 -14.20
CA GLN A 489 -17.74 -0.59 -14.94
C GLN A 489 -18.61 -1.69 -15.52
N ILE A 490 -18.47 -1.97 -16.80
CA ILE A 490 -19.18 -3.05 -17.49
C ILE A 490 -18.22 -4.25 -17.55
N ASN A 491 -18.55 -5.28 -16.77
CA ASN A 491 -17.77 -6.52 -16.78
C ASN A 491 -18.43 -7.60 -17.60
N ILE A 492 -17.62 -8.28 -18.42
CA ILE A 492 -18.16 -9.31 -19.31
C ILE A 492 -17.54 -10.66 -19.00
N PHE A 493 -18.40 -11.68 -18.98
CA PHE A 493 -18.10 -13.05 -18.57
C PHE A 493 -18.53 -14.03 -19.67
N PHE A 494 -17.79 -15.10 -19.86
CA PHE A 494 -18.20 -16.24 -20.66
C PHE A 494 -18.48 -17.40 -19.72
N GLY A 495 -19.75 -17.75 -19.53
CA GLY A 495 -20.04 -18.79 -18.53
C GLY A 495 -20.78 -18.23 -17.33
N ASP A 496 -20.94 -19.05 -16.31
CA ASP A 496 -21.70 -18.72 -15.12
C ASP A 496 -21.01 -17.59 -14.36
N VAL A 497 -21.76 -16.61 -13.91
CA VAL A 497 -21.22 -15.53 -13.08
C VAL A 497 -21.41 -15.83 -11.60
N ASP A 498 -20.33 -15.68 -10.83
CA ASP A 498 -20.39 -15.80 -9.38
C ASP A 498 -21.13 -14.57 -8.83
N GLY A 499 -22.26 -14.80 -8.19
CA GLY A 499 -23.13 -13.76 -7.69
C GLY A 499 -22.52 -12.90 -6.60
N LYS A 500 -21.37 -13.31 -6.08
CA LYS A 500 -20.68 -12.49 -5.08
C LYS A 500 -19.30 -12.05 -5.54
N ASP A 501 -18.96 -12.31 -6.80
CA ASP A 501 -17.61 -11.98 -7.27
C ASP A 501 -17.62 -11.80 -8.78
N PHE A 502 -17.91 -10.57 -9.18
CA PHE A 502 -18.19 -10.23 -10.57
C PHE A 502 -17.45 -8.96 -10.96
N TYR A 503 -16.18 -8.88 -10.54
CA TYR A 503 -15.46 -7.62 -10.52
C TYR A 503 -14.24 -7.49 -11.40
N ASP A 504 -13.41 -8.52 -11.52
CA ASP A 504 -12.08 -8.39 -12.13
C ASP A 504 -11.55 -9.75 -12.53
N ALA A 505 -10.25 -9.81 -12.81
CA ALA A 505 -9.65 -11.03 -13.32
C ALA A 505 -9.67 -12.17 -12.31
N ARG A 506 -9.88 -11.91 -11.01
CA ARG A 506 -10.00 -13.02 -10.07
C ARG A 506 -11.42 -13.56 -10.01
N SER A 507 -12.37 -12.92 -10.69
CA SER A 507 -13.77 -13.36 -10.70
C SER A 507 -13.97 -14.47 -11.75
N GLN A 508 -14.60 -15.57 -11.35
CA GLN A 508 -14.75 -16.70 -12.27
C GLN A 508 -15.34 -16.27 -13.61
N ASN A 509 -14.72 -16.71 -14.69
CA ASN A 509 -15.15 -16.59 -16.07
C ASN A 509 -15.10 -15.17 -16.60
N PHE A 510 -14.44 -14.26 -15.89
CA PHE A 510 -14.24 -12.90 -16.37
C PHE A 510 -13.47 -12.90 -17.69
N VAL A 511 -13.91 -12.09 -18.64
CA VAL A 511 -13.28 -11.89 -19.93
C VAL A 511 -12.68 -10.50 -20.07
N GLY A 512 -13.40 -9.45 -19.71
CA GLY A 512 -12.81 -8.09 -19.82
C GLY A 512 -13.80 -7.05 -19.34
N SER A 513 -13.34 -5.80 -19.29
CA SER A 513 -14.12 -4.71 -18.74
C SER A 513 -14.06 -3.47 -19.64
N VAL A 514 -15.11 -2.67 -19.51
CA VAL A 514 -15.23 -1.37 -20.11
C VAL A 514 -15.56 -0.36 -19.02
N PHE A 515 -14.72 0.66 -18.86
CA PHE A 515 -14.96 1.62 -17.78
C PHE A 515 -15.62 2.88 -18.30
N ASN A 516 -16.71 3.31 -17.66
CA ASN A 516 -17.32 4.60 -17.99
C ASN A 516 -16.63 5.70 -17.19
N TYR A 517 -15.69 6.36 -17.81
CA TYR A 517 -14.95 7.48 -17.17
C TYR A 517 -15.75 8.77 -17.33
N DAH A 517 -15.68 6.36 -17.82
CA DAH A 517 -14.95 7.50 -17.22
C DAH A 517 -15.78 8.78 -17.37
O DAH A 517 -15.87 9.40 -18.41
CB DAH A 517 -13.61 7.67 -17.98
CG DAH A 517 -12.71 8.78 -17.49
CD1 DAH A 517 -12.31 8.85 -16.16
CD2 DAH A 517 -12.24 9.74 -18.37
CE1 DAH A 517 -11.47 9.84 -15.72
CE2 DAH A 517 -11.38 10.74 -17.95
CZ DAH A 517 -10.99 10.80 -16.60
OE2 DAH A 517 -10.90 11.67 -18.81
OH DAH A 517 -10.15 11.78 -16.20
N SER A 518 -16.61 9.00 -16.35
CA SER A 518 -17.61 10.04 -16.35
C SER A 518 -17.89 10.45 -14.91
N GLY A 519 -18.37 11.66 -14.70
CA GLY A 519 -18.68 12.07 -13.32
C GLY A 519 -18.70 13.58 -13.15
N ALA A 530 -31.04 14.82 -12.45
CA ALA A 530 -30.77 13.73 -13.38
C ALA A 530 -30.32 14.27 -14.74
N GLN A 531 -29.03 14.11 -15.01
CA GLN A 531 -28.40 14.49 -16.25
C GLN A 531 -28.48 13.39 -17.31
N GLN A 532 -28.42 13.86 -18.55
CA GLN A 532 -28.49 13.01 -19.72
C GLN A 532 -27.36 13.33 -20.69
N GLU A 533 -27.05 12.37 -21.53
CA GLU A 533 -26.08 12.56 -22.62
C GLU A 533 -26.61 13.50 -23.68
N GLN A 534 -25.73 14.00 -24.53
CA GLN A 534 -26.20 14.71 -25.73
C GLN A 534 -27.15 13.82 -26.53
N GLU A 535 -28.23 14.41 -27.03
CA GLU A 535 -29.25 13.63 -27.75
C GLU A 535 -28.60 13.02 -28.97
N GLY A 536 -28.81 11.72 -29.19
CA GLY A 536 -28.30 11.05 -30.37
C GLY A 536 -26.91 10.49 -30.19
N VAL A 537 -26.30 10.73 -29.04
CA VAL A 537 -24.90 10.36 -28.83
C VAL A 537 -24.80 9.23 -27.81
N LEU A 538 -23.96 8.25 -28.15
CA LEU A 538 -23.62 7.18 -27.20
C LEU A 538 -22.11 6.98 -27.21
N SER A 539 -21.64 5.90 -26.60
CA SER A 539 -20.21 5.64 -26.48
C SER A 539 -19.91 4.18 -26.83
N VAL A 540 -18.77 3.91 -27.44
CA VAL A 540 -18.40 2.55 -27.83
C VAL A 540 -17.00 2.18 -27.37
N SER A 541 -16.82 0.88 -27.17
CA SER A 541 -15.53 0.27 -26.90
C SER A 541 -15.50 -1.10 -27.55
N GLN A 542 -14.35 -1.74 -27.51
CA GLN A 542 -14.17 -3.06 -28.10
C GLN A 542 -13.21 -3.85 -27.23
N LEU A 543 -13.45 -5.15 -27.06
CA LEU A 543 -12.48 -5.98 -26.35
C LEU A 543 -12.06 -7.15 -27.23
N PRO A 544 -10.80 -7.57 -27.13
CA PRO A 544 -10.40 -8.82 -27.75
C PRO A 544 -11.14 -9.98 -27.08
N ALA A 545 -11.45 -11.03 -27.84
CA ALA A 545 -12.11 -12.18 -27.25
C ALA A 545 -11.62 -13.52 -27.77
N ARG A 546 -10.62 -13.55 -28.64
CA ARG A 546 -10.20 -14.80 -29.28
C ARG A 546 -9.79 -15.84 -28.25
N LEU A 547 -8.84 -15.50 -27.38
CA LEU A 547 -8.30 -16.49 -26.45
C LEU A 547 -9.38 -16.98 -25.49
N ALA A 548 -10.19 -16.06 -25.01
CA ALA A 548 -11.26 -16.42 -24.08
C ALA A 548 -12.34 -17.29 -24.69
N VAL A 549 -12.69 -17.07 -25.95
CA VAL A 549 -13.64 -17.95 -26.63
C VAL A 549 -13.04 -19.34 -26.80
N HIS A 550 -11.75 -19.43 -27.13
CA HIS A 550 -11.13 -20.75 -27.23
C HIS A 550 -11.16 -21.52 -25.92
N TYR A 551 -10.83 -20.90 -24.79
CA TYR A 551 -10.99 -21.60 -23.51
C TYR A 551 -12.42 -22.00 -23.25
N TYR A 552 -13.38 -21.08 -23.45
CA TYR A 552 -14.76 -21.39 -23.14
C TYR A 552 -15.22 -22.59 -23.96
N LYS A 553 -14.87 -22.61 -25.26
CA LYS A 553 -15.38 -23.71 -26.07
C LYS A 553 -14.81 -25.04 -25.57
N LYS A 554 -13.53 -25.01 -25.20
CA LYS A 554 -12.82 -26.18 -24.71
C LYS A 554 -13.52 -26.73 -23.47
N GLN A 555 -13.99 -25.84 -22.62
CA GLN A 555 -14.61 -26.30 -21.37
C GLN A 555 -16.10 -26.58 -21.54
N ASN A 556 -16.67 -26.16 -22.66
CA ASN A 556 -18.14 -26.22 -22.75
C ASN A 556 -18.62 -26.84 -24.07
N LYS A 557 -17.94 -27.92 -24.46
CA LYS A 557 -18.40 -28.77 -25.54
C LYS A 557 -18.53 -27.99 -26.84
N GLY A 558 -17.71 -26.96 -27.02
CA GLY A 558 -17.59 -26.19 -28.23
C GLY A 558 -18.63 -25.11 -28.37
N GLU A 559 -19.46 -24.89 -27.36
CA GLU A 559 -20.48 -23.84 -27.43
C GLU A 559 -19.84 -22.46 -27.61
N VAL A 560 -20.34 -21.65 -28.53
CA VAL A 560 -19.98 -20.23 -28.62
C VAL A 560 -20.64 -19.50 -27.46
N PRO A 561 -19.88 -18.79 -26.64
CA PRO A 561 -20.46 -18.27 -25.39
C PRO A 561 -21.38 -17.09 -25.69
N THR A 562 -22.46 -17.04 -24.91
CA THR A 562 -23.29 -15.84 -24.82
C THR A 562 -22.59 -14.88 -23.88
N PRO A 563 -22.16 -13.71 -24.32
CA PRO A 563 -21.53 -12.82 -23.34
C PRO A 563 -22.54 -12.44 -22.27
N ARG A 564 -22.10 -12.48 -21.03
CA ARG A 564 -22.93 -12.10 -19.89
C ARG A 564 -22.29 -10.87 -19.26
N TYR A 565 -23.10 -9.86 -18.95
CA TYR A 565 -22.46 -8.65 -18.41
C TYR A 565 -23.10 -8.26 -17.08
N VAL A 566 -22.31 -7.58 -16.27
CA VAL A 566 -22.77 -6.93 -15.04
C VAL A 566 -22.28 -5.49 -15.07
N VAL A 567 -23.13 -4.55 -14.73
CA VAL A 567 -22.79 -3.14 -14.62
C VAL A 567 -22.58 -2.84 -13.14
N VAL A 568 -21.35 -2.52 -12.77
CA VAL A 568 -20.97 -2.39 -11.36
C VAL A 568 -20.81 -0.92 -10.98
N ASN A 569 -21.39 -0.52 -9.86
CA ASN A 569 -21.25 0.86 -9.37
C ASN A 569 -20.14 0.99 -8.34
N SER A 570 -19.98 2.21 -7.80
CA SER A 570 -18.89 2.51 -6.89
C SER A 570 -19.05 1.86 -5.53
N GLN A 571 -20.24 1.33 -5.23
CA GLN A 571 -20.44 0.52 -4.03
C GLN A 571 -20.24 -0.95 -4.28
N GLY A 572 -19.68 -1.35 -5.45
CA GLY A 572 -19.54 -2.77 -5.73
C GLY A 572 -20.83 -3.52 -5.94
N LYS A 573 -21.92 -2.82 -6.27
CA LYS A 573 -23.20 -3.46 -6.50
C LYS A 573 -23.59 -3.42 -7.98
N ALA A 574 -24.35 -4.45 -8.39
CA ALA A 574 -24.79 -4.57 -9.77
C ALA A 574 -26.02 -3.71 -10.02
N GLU A 575 -25.99 -2.87 -11.04
CA GLU A 575 -27.11 -2.02 -11.43
C GLU A 575 -27.98 -2.78 -12.44
N ALA A 576 -29.02 -3.40 -11.91
CA ALA A 576 -29.85 -4.31 -12.66
C ALA A 576 -30.57 -3.62 -13.82
N GLU A 577 -30.80 -2.31 -13.70
CA GLU A 577 -31.66 -1.62 -14.66
C GLU A 577 -30.88 -1.17 -15.90
N VAL A 578 -29.56 -1.17 -15.81
CA VAL A 578 -28.76 -0.65 -16.92
C VAL A 578 -28.67 -1.69 -18.03
N LYS A 579 -29.06 -1.27 -19.23
CA LYS A 579 -28.85 -2.13 -20.39
C LYS A 579 -27.68 -1.59 -21.22
N VAL A 580 -26.81 -2.50 -21.61
CA VAL A 580 -25.67 -2.17 -22.47
C VAL A 580 -25.80 -3.04 -23.71
N GLU A 581 -25.39 -2.57 -24.88
CA GLU A 581 -25.41 -3.46 -26.06
C GLU A 581 -24.05 -4.14 -26.14
N VAL A 582 -24.03 -5.43 -25.82
CA VAL A 582 -22.81 -6.24 -25.90
C VAL A 582 -23.05 -7.32 -26.95
N ALA A 583 -22.07 -7.51 -27.83
CA ALA A 583 -22.22 -8.62 -28.77
C ALA A 583 -20.87 -9.23 -29.07
N LEU A 584 -20.89 -10.48 -29.48
CA LEU A 584 -19.70 -11.19 -29.94
C LEU A 584 -19.69 -11.27 -31.46
N HIS A 585 -18.56 -10.98 -32.08
CA HIS A 585 -18.40 -11.04 -33.53
C HIS A 585 -17.22 -11.95 -33.89
N LYS A 586 -17.34 -12.63 -35.02
CA LYS A 586 -16.30 -13.56 -35.45
C LYS A 586 -15.95 -13.32 -36.91
N THR A 587 -14.67 -13.43 -37.24
CA THR A 587 -14.29 -13.43 -38.64
C THR A 587 -14.71 -14.70 -39.35
N ASP A 602 -14.82 -8.15 -42.04
CA ASP A 602 -15.26 -9.52 -42.30
C ASP A 602 -15.71 -10.17 -40.99
N TYR A 603 -16.24 -9.37 -40.09
CA TYR A 603 -16.75 -9.89 -38.84
C TYR A 603 -18.27 -10.00 -38.89
N ARG A 604 -18.80 -11.13 -38.44
CA ARG A 604 -20.22 -11.39 -38.37
C ARG A 604 -20.64 -11.44 -36.90
N ARG A 605 -21.83 -10.93 -36.61
CA ARG A 605 -22.38 -11.08 -35.26
C ARG A 605 -22.78 -12.52 -35.00
N VAL A 606 -22.28 -13.10 -33.90
CA VAL A 606 -22.58 -14.51 -33.61
C VAL A 606 -23.30 -14.69 -32.29
N ALA A 607 -23.24 -13.75 -31.35
CA ALA A 607 -24.04 -13.88 -30.13
C ALA A 607 -24.36 -12.52 -29.53
N ASP A 608 -25.56 -12.38 -28.95
CA ASP A 608 -25.89 -11.14 -28.27
C ASP A 608 -25.77 -11.29 -26.76
N GLY A 609 -25.26 -10.24 -26.12
CA GLY A 609 -25.01 -10.26 -24.69
C GLY A 609 -26.29 -10.20 -23.87
N LYS A 610 -26.21 -10.72 -22.64
CA LYS A 610 -27.37 -10.71 -21.76
C LYS A 610 -26.88 -10.31 -20.37
N ARG A 611 -27.67 -9.57 -19.63
CA ARG A 611 -27.30 -9.18 -18.28
C ARG A 611 -27.28 -10.40 -17.36
N ALA A 612 -26.29 -10.52 -16.49
CA ALA A 612 -26.34 -11.60 -15.49
C ALA A 612 -26.85 -11.09 -14.15
N GLU A 613 -27.64 -11.92 -13.47
CA GLU A 613 -28.04 -11.61 -12.10
C GLU A 613 -26.91 -11.92 -11.14
N VAL A 614 -26.90 -11.18 -10.03
CA VAL A 614 -25.99 -11.41 -8.93
C VAL A 614 -26.78 -11.71 -7.66
N ASP A 615 -26.09 -12.02 -6.56
CA ASP A 615 -26.79 -12.30 -5.31
C ASP A 615 -27.60 -11.08 -4.87
N ASP A 616 -28.71 -11.29 -4.19
CA ASP A 616 -29.56 -10.23 -3.68
C ASP A 616 -28.79 -9.17 -2.92
N ALA A 617 -27.83 -9.58 -2.09
CA ALA A 617 -27.12 -8.61 -1.26
C ALA A 617 -26.17 -7.76 -2.06
N TYR A 618 -25.89 -8.17 -3.29
CA TYR A 618 -24.97 -7.43 -4.14
C TYR A 618 -25.70 -6.66 -5.23
N ARG A 619 -27.02 -6.57 -5.17
CA ARG A 619 -27.77 -5.85 -6.19
C ARG A 619 -28.02 -4.41 -5.76
N ALA A 620 -27.85 -3.45 -6.67
CA ALA A 620 -28.01 -2.04 -6.31
C ALA A 620 -29.47 -1.76 -5.96
N GLY B 1 25.89 8.15 28.58
CA GLY B 1 24.70 8.91 28.23
C GLY B 1 25.02 10.35 27.86
N PRO B 2 24.00 11.11 27.51
CA PRO B 2 24.19 12.54 27.22
C PRO B 2 24.95 13.21 28.37
N GLY B 3 25.93 14.03 28.00
CA GLY B 3 26.75 14.77 28.93
C GLY B 3 27.72 13.90 29.72
N GLY B 4 27.95 12.67 29.29
CA GLY B 4 29.01 11.81 29.78
C GLY B 4 28.72 11.08 31.07
N SER B 5 27.45 10.83 31.36
CA SER B 5 27.14 9.99 32.53
C SER B 5 26.08 8.99 32.12
N PRO B 6 25.94 7.89 32.84
CA PRO B 6 24.88 6.93 32.50
C PRO B 6 23.51 7.58 32.43
N TYR B 7 22.70 7.12 31.48
CA TYR B 7 21.29 7.49 31.40
C TYR B 7 20.46 6.61 32.32
N LEU B 8 19.96 7.20 33.41
CA LEU B 8 19.24 6.44 34.42
C LEU B 8 17.78 6.25 34.02
N ILE B 9 17.37 5.01 33.83
CA ILE B 9 15.98 4.71 33.43
C ILE B 9 15.14 4.55 34.69
N THR B 10 14.12 5.40 34.82
CA THR B 10 13.27 5.45 36.00
C THR B 10 11.80 5.25 35.69
N GLY B 11 11.41 5.35 34.42
CA GLY B 11 10.03 5.62 34.07
C GLY B 11 9.73 7.08 34.31
N ILE B 12 8.56 7.54 33.89
CA ILE B 12 8.24 8.96 34.09
C ILE B 12 8.22 9.29 35.56
N PRO B 13 8.88 10.34 36.04
CA PRO B 13 8.93 10.60 37.48
C PRO B 13 7.56 10.70 38.13
N LYS B 14 7.46 10.32 39.40
CA LYS B 14 6.22 10.35 40.14
C LYS B 14 5.86 11.77 40.51
N ASP B 15 4.62 12.12 40.23
CA ASP B 15 4.04 13.39 40.66
C ASP B 15 2.76 13.08 41.43
N PRO B 16 2.56 13.62 42.61
CA PRO B 16 1.39 13.23 43.42
C PRO B 16 0.08 13.67 42.78
N LYS B 17 0.10 14.63 41.85
CA LYS B 17 -1.19 14.96 41.21
C LYS B 17 -1.51 13.96 40.11
N HIS B 18 -0.58 13.07 39.82
CA HIS B 18 -0.69 12.13 38.71
C HIS B 18 -0.49 10.67 39.12
N PRO B 19 -1.38 10.11 39.94
CA PRO B 19 -1.20 8.74 40.42
C PRO B 19 -1.32 7.68 39.33
N LEU B 20 -0.28 6.87 39.17
CA LEU B 20 -0.18 5.75 38.24
C LEU B 20 -1.03 5.94 36.99
N PRO B 21 -0.61 6.87 36.15
CA PRO B 21 -1.31 7.10 34.87
C PRO B 21 -1.30 5.84 34.01
N ILE B 22 -2.32 5.68 33.18
CA ILE B 22 -2.42 4.46 32.40
C ILE B 22 -1.91 4.64 30.97
N ARG B 23 -1.33 3.55 30.47
CA ARG B 23 -1.10 3.35 29.04
C ARG B 23 -2.40 2.93 28.38
N LYS B 24 -2.94 3.77 27.49
CA LYS B 24 -4.22 3.58 26.83
C LYS B 24 -4.12 2.83 25.52
N ASP B 25 -5.23 2.24 25.12
CA ASP B 25 -5.32 1.65 23.79
C ASP B 25 -5.19 2.76 22.75
N ILE B 26 -4.25 2.64 21.83
CA ILE B 26 -3.93 3.75 20.93
C ILE B 26 -5.09 4.15 20.03
N ASP B 27 -5.96 3.21 19.65
CA ASP B 27 -7.15 3.60 18.90
C ASP B 27 -8.12 4.38 19.79
N ASP B 28 -8.34 3.96 21.03
CA ASP B 28 -9.25 4.69 21.92
C ASP B 28 -8.71 6.10 22.17
N TRP B 29 -7.41 6.15 22.42
CA TRP B 29 -6.69 7.41 22.70
C TRP B 29 -6.77 8.35 21.52
N TYR B 30 -6.56 7.82 20.29
CA TYR B 30 -6.69 8.67 19.11
C TYR B 30 -8.12 9.12 18.88
N LEU B 31 -9.07 8.17 19.00
CA LEU B 31 -10.46 8.48 18.68
C LEU B 31 -11.05 9.54 19.58
N GLU B 32 -10.57 9.65 20.82
CA GLU B 32 -11.11 10.64 21.75
C GLU B 32 -10.53 12.02 21.47
N GLN B 33 -9.54 12.09 20.58
CA GLN B 33 -8.92 13.36 20.25
C GLN B 33 -9.11 13.75 18.80
N THR B 34 -9.49 12.79 17.95
CA THR B 34 -9.70 13.17 16.55
C THR B 34 -10.79 14.24 16.46
N ARG B 40 -6.67 17.90 22.44
CA ARG B 40 -5.74 17.43 21.42
C ARG B 40 -4.29 17.69 21.78
N ILE B 41 -4.05 18.13 23.01
CA ILE B 41 -2.69 18.38 23.48
C ILE B 41 -1.88 17.11 23.55
N GLN B 42 -2.41 15.99 24.06
CA GLN B 42 -1.58 14.78 24.17
C GLN B 42 -1.16 14.29 22.79
N LEU B 43 -2.07 14.33 21.82
CA LEU B 43 -1.70 13.92 20.44
C LEU B 43 -0.59 14.83 19.93
N THR B 44 -0.77 16.14 20.13
CA THR B 44 0.23 17.09 19.64
C THR B 44 1.57 16.83 20.30
N LEU B 45 1.57 16.65 21.64
CA LEU B 45 2.83 16.42 22.34
C LEU B 45 3.52 15.15 21.86
N PHE B 46 2.78 14.07 21.66
CA PHE B 46 3.40 12.80 21.23
C PHE B 46 3.97 12.96 19.82
N VAL B 47 3.19 13.55 18.90
CA VAL B 47 3.68 13.78 17.54
C VAL B 47 4.91 14.67 17.54
N GLU B 48 4.85 15.80 18.24
CA GLU B 48 5.95 16.76 18.13
C GLU B 48 7.19 16.19 18.83
N ALA B 49 7.02 15.52 19.96
CA ALA B 49 8.18 14.96 20.66
C ALA B 49 8.83 13.83 19.87
N LEU B 50 8.01 12.94 19.30
CA LEU B 50 8.57 11.81 18.57
C LEU B 50 9.24 12.32 17.29
N THR B 51 8.72 13.37 16.66
CA THR B 51 9.35 13.97 15.49
C THR B 51 10.73 14.50 15.85
N VAL B 52 10.81 15.23 16.97
CA VAL B 52 12.15 15.69 17.40
C VAL B 52 13.08 14.51 17.61
N ILE B 53 12.61 13.47 18.31
CA ILE B 53 13.50 12.35 18.62
C ILE B 53 13.97 11.66 17.34
N GLN B 54 13.07 11.51 16.37
CA GLN B 54 13.41 10.90 15.09
C GLN B 54 14.43 11.73 14.30
N ASN B 55 14.40 13.05 14.46
CA ASN B 55 15.30 13.93 13.73
C ASN B 55 16.62 14.16 14.46
N ARG B 56 16.79 13.55 15.63
CA ARG B 56 18.05 13.77 16.35
C ARG B 56 19.22 13.15 15.57
N PRO B 57 20.41 13.73 15.69
CA PRO B 57 21.59 13.18 15.03
C PRO B 57 22.04 11.82 15.58
N LEU B 58 22.80 11.07 14.79
CA LEU B 58 23.21 9.71 15.15
C LEU B 58 24.15 9.67 16.34
N ASN B 59 24.94 10.73 16.58
CA ASN B 59 25.78 10.78 17.77
C ASN B 59 24.96 10.99 19.04
N ASP B 60 23.69 11.38 18.90
CA ASP B 60 22.85 11.58 20.09
C ASP B 60 22.28 10.23 20.50
N GLN B 61 22.65 9.72 21.67
CA GLN B 61 22.20 8.40 22.09
C GLN B 61 20.71 8.32 22.38
N LEU B 62 20.06 9.48 22.48
CA LEU B 62 18.61 9.45 22.67
C LEU B 62 17.89 9.76 21.37
N SER B 63 18.63 9.62 20.25
CA SER B 63 17.94 9.71 18.96
C SER B 63 17.11 8.46 18.74
N TYR B 64 16.07 8.57 17.94
CA TYR B 64 15.29 7.38 17.60
C TYR B 64 16.16 6.28 17.03
N PHE B 65 17.05 6.67 16.10
CA PHE B 65 17.93 5.67 15.49
C PHE B 65 18.72 4.92 16.54
N ARG B 66 19.34 5.64 17.48
CA ARG B 66 20.18 4.93 18.45
C ARG B 66 19.33 4.12 19.43
N LEU B 67 18.13 4.59 19.78
CA LEU B 67 17.25 3.84 20.67
C LEU B 67 16.79 2.55 20.00
N ALA B 68 16.37 2.64 18.73
CA ALA B 68 16.07 1.43 17.98
C ALA B 68 17.30 0.55 17.82
N GLY B 69 18.47 1.17 17.67
CA GLY B 69 19.72 0.45 17.49
C GLY B 69 20.08 -0.42 18.68
N ILE B 70 19.55 -0.14 19.87
CA ILE B 70 19.84 -1.01 21.02
C ILE B 70 19.40 -2.44 20.70
N HIS B 71 18.28 -2.56 20.01
CA HIS B 71 17.66 -3.88 19.79
C HIS B 71 18.54 -4.78 18.93
N GLY B 72 19.13 -4.29 17.87
CA GLY B 72 19.76 -5.14 16.86
C GLY B 72 20.79 -4.40 16.04
N ALA B 73 20.71 -4.41 14.73
CA ALA B 73 21.66 -3.69 13.88
C ALA B 73 21.54 -2.18 14.13
N PRO B 74 22.61 -1.40 14.01
CA PRO B 74 23.93 -1.81 13.58
C PRO B 74 24.86 -2.35 14.65
N TRP B 75 24.36 -2.78 15.80
CA TRP B 75 25.14 -3.46 16.82
C TRP B 75 26.29 -2.63 17.38
N THR B 76 25.97 -1.37 17.65
CA THR B 76 26.96 -0.51 18.30
C THR B 76 26.76 -0.45 19.81
N GLU B 77 27.71 0.23 20.44
CA GLU B 77 27.54 0.51 21.88
C GLU B 77 26.33 1.40 22.12
N TRP B 78 25.87 1.42 23.38
CA TRP B 78 24.92 2.40 23.83
C TRP B 78 25.16 2.66 25.32
N ASP B 79 25.12 3.92 25.70
CA ASP B 79 25.29 4.37 27.09
C ASP B 79 26.54 3.75 27.71
N GLY B 80 27.63 3.71 26.94
CA GLY B 80 28.91 3.25 27.46
C GLY B 80 29.04 1.75 27.48
N VAL B 81 27.97 1.02 27.13
CA VAL B 81 28.00 -0.44 27.15
C VAL B 81 28.42 -0.98 25.79
N PRO B 82 29.54 -1.69 25.72
CA PRO B 82 30.01 -2.16 24.41
C PRO B 82 28.98 -2.98 23.64
N GLY B 83 28.99 -2.76 22.33
CA GLY B 83 28.15 -3.45 21.39
C GLY B 83 28.82 -4.66 20.75
N ASN B 91 27.69 -15.07 14.21
CA ASN B 91 26.41 -14.36 14.16
C ASN B 91 26.48 -13.08 14.99
N PRO B 92 26.31 -11.91 14.37
CA PRO B 92 26.30 -10.66 15.15
C PRO B 92 25.01 -10.58 15.94
N THR B 93 25.08 -10.15 17.20
CA THR B 93 23.80 -10.06 17.93
C THR B 93 23.66 -8.75 18.67
N GLY B 94 22.44 -8.39 19.04
CA GLY B 94 22.17 -7.14 19.73
C GLY B 94 21.96 -7.32 21.21
N PHE B 95 21.51 -6.27 21.89
CA PHE B 95 21.25 -6.37 23.33
C PHE B 95 19.96 -7.11 23.65
N ALA B 96 19.06 -7.15 22.66
CA ALA B 96 17.73 -7.69 22.91
C ALA B 96 17.80 -9.14 23.35
N VAL B 97 16.91 -9.55 24.26
CA VAL B 97 16.78 -10.96 24.61
C VAL B 97 15.66 -11.60 23.81
N HIS B 98 16.00 -12.67 23.09
CA HIS B 98 15.03 -13.51 22.39
C HIS B 98 15.31 -14.99 22.69
N ASN B 99 14.27 -15.79 22.73
CA ASN B 99 14.36 -17.21 23.03
C ASN B 99 15.02 -17.45 24.40
N ASN B 100 14.68 -16.60 25.37
CA ASN B 100 15.08 -16.83 26.75
C ASN B 100 14.03 -16.21 27.68
N TYR B 101 14.07 -16.58 28.95
CA TYR B 101 12.99 -16.33 29.89
C TYR B 101 12.93 -14.89 30.36
N THR B 102 13.96 -14.11 30.05
CA THR B 102 13.97 -12.67 30.33
C THR B 102 13.42 -11.91 29.13
N PHE B 103 12.88 -12.57 28.10
CA PHE B 103 12.27 -11.87 26.97
C PHE B 103 11.27 -10.82 27.46
N PRO B 104 10.31 -11.15 28.32
CA PRO B 104 9.34 -10.12 28.75
C PRO B 104 9.95 -8.99 29.55
N THR B 105 10.93 -9.29 30.40
CA THR B 105 11.46 -8.26 31.31
C THR B 105 12.48 -7.35 30.66
N TRP B 106 13.32 -7.90 29.78
CA TRP B 106 14.20 -7.04 28.99
C TRP B 106 13.35 -6.05 28.19
N HIS B 107 12.30 -6.55 27.54
CA HIS B 107 11.45 -5.64 26.76
C HIS B 107 10.61 -4.69 27.61
N ARG B 108 10.23 -5.08 28.82
CA ARG B 108 9.53 -4.15 29.74
C ARG B 108 10.42 -2.93 29.99
N VAL B 109 11.72 -3.17 30.25
CA VAL B 109 12.60 -2.02 30.46
C VAL B 109 12.77 -1.20 29.19
N TYR B 110 12.92 -1.86 28.05
CA TYR B 110 13.15 -1.17 26.77
C TYR B 110 11.99 -0.24 26.43
N VAL B 111 10.77 -0.72 26.59
CA VAL B 111 9.58 0.11 26.33
C VAL B 111 9.53 1.31 27.26
N THR B 112 9.89 1.09 28.53
CA THR B 112 9.92 2.18 29.49
C THR B 112 10.97 3.23 29.13
N LEU B 113 12.14 2.79 28.64
CA LEU B 113 13.15 3.75 28.14
C LEU B 113 12.56 4.66 27.08
N TYR B 114 11.88 4.06 26.09
CA TYR B 114 11.29 4.82 24.99
C TYR B 114 10.28 5.80 25.51
N GLU B 115 9.39 5.35 26.41
CA GLU B 115 8.38 6.23 26.99
C GLU B 115 9.00 7.40 27.77
N GLN B 116 10.06 7.10 28.51
CA GLN B 116 10.73 8.15 29.31
C GLN B 116 11.39 9.17 28.41
N VAL B 117 12.08 8.72 27.37
CA VAL B 117 12.70 9.66 26.42
C VAL B 117 11.63 10.54 25.78
N ILE B 118 10.49 9.95 25.39
CA ILE B 118 9.43 10.77 24.79
C ILE B 118 8.90 11.79 25.76
N TYR B 119 8.64 11.37 27.00
CA TYR B 119 8.21 12.34 28.03
C TYR B 119 9.20 13.49 28.20
N GLU B 120 10.49 13.18 28.27
CA GLU B 120 11.47 14.26 28.42
C GLU B 120 11.46 15.17 27.20
N ALA B 121 11.27 14.59 26.01
CA ALA B 121 11.18 15.46 24.81
C ALA B 121 9.92 16.32 24.84
N MET B 122 8.82 15.81 25.40
CA MET B 122 7.61 16.61 25.55
C MET B 122 7.88 17.81 26.45
N LEU B 123 8.58 17.57 27.57
CA LEU B 123 8.87 18.71 28.46
C LEU B 123 9.71 19.75 27.75
N ASP B 124 10.67 19.27 26.94
CA ASP B 124 11.52 20.24 26.23
C ASP B 124 10.68 21.02 25.22
N PHE B 125 9.79 20.29 24.52
CA PHE B 125 8.92 20.96 23.56
C PHE B 125 8.13 22.08 24.23
N ILE B 126 7.61 21.80 25.41
CA ILE B 126 6.77 22.79 26.10
C ILE B 126 7.60 24.00 26.49
N LYS B 127 8.80 23.75 27.03
CA LYS B 127 9.72 24.84 27.34
C LYS B 127 10.06 25.69 26.13
N GLN B 128 10.19 25.08 24.96
CA GLN B 128 10.61 25.90 23.81
C GLN B 128 9.43 26.49 23.06
N ASN B 129 8.19 26.03 23.21
CA ASN B 129 7.14 26.41 22.28
C ASN B 129 5.87 26.95 22.91
N VAL B 130 5.58 26.58 24.16
CA VAL B 130 4.26 26.89 24.72
C VAL B 130 4.22 28.19 25.49
N PRO B 131 3.25 29.07 25.21
CA PRO B 131 3.23 30.35 25.92
C PRO B 131 2.91 30.20 27.41
N GLN B 132 3.15 31.29 28.12
CA GLN B 132 2.97 31.32 29.56
C GLN B 132 1.57 30.86 29.95
N ASN B 133 0.53 31.36 29.28
CA ASN B 133 -0.84 31.02 29.65
C ASN B 133 -1.10 29.52 29.68
N GLY B 134 -0.40 28.76 28.82
CA GLY B 134 -0.72 27.34 28.70
C GLY B 134 0.32 26.39 29.21
N LYS B 135 1.45 26.83 29.76
CA LYS B 135 2.49 25.89 30.17
C LYS B 135 2.05 24.87 31.22
N ALA B 136 1.33 25.33 32.24
CA ALA B 136 0.85 24.41 33.28
C ALA B 136 -0.10 23.36 32.72
N ASP B 137 -1.04 23.78 31.87
CA ASP B 137 -1.92 22.82 31.21
C ASP B 137 -1.19 21.83 30.33
N TRP B 138 -0.20 22.28 29.55
CA TRP B 138 0.54 21.37 28.69
C TRP B 138 1.44 20.46 29.52
N GLU B 139 2.07 20.98 30.57
CA GLU B 139 2.89 20.12 31.43
C GLU B 139 2.03 19.07 32.10
N ASN B 140 0.82 19.44 32.51
CA ASN B 140 -0.13 18.50 33.10
C ASN B 140 -0.44 17.35 32.15
N GLU B 141 -0.64 17.67 30.87
CA GLU B 141 -0.88 16.59 29.91
C GLU B 141 0.33 15.72 29.71
N ALA B 142 1.53 16.32 29.71
CA ALA B 142 2.73 15.49 29.51
C ALA B 142 2.84 14.52 30.67
N LYS B 143 2.49 14.96 31.88
CA LYS B 143 2.64 14.15 33.08
C LYS B 143 1.58 13.07 33.19
N GLN B 144 0.47 13.25 32.49
CA GLN B 144 -0.59 12.23 32.47
C GLN B 144 -0.38 11.25 31.31
N TRP B 145 0.30 11.67 30.24
CA TRP B 145 0.54 10.83 29.09
C TRP B 145 1.38 9.60 29.42
N ARG B 146 0.98 8.45 28.87
CA ARG B 146 1.83 7.27 28.87
C ARG B 146 1.83 6.67 27.47
N LEU B 147 2.81 5.85 27.16
CA LEU B 147 2.90 5.29 25.81
C LEU B 147 1.69 4.43 25.49
N PRO B 148 0.90 4.73 24.48
CA PRO B 148 -0.24 3.86 24.16
C PRO B 148 0.21 2.48 23.67
N TYR B 149 -0.71 1.52 23.83
CA TYR B 149 -0.47 0.19 23.30
C TYR B 149 -1.35 -0.08 22.08
N TRP B 150 -0.82 -0.92 21.21
CA TRP B 150 -1.63 -1.43 20.09
C TRP B 150 -2.26 -2.77 20.49
N ASP B 151 -3.59 -2.79 20.58
CA ASP B 151 -4.23 -4.06 20.96
C ASP B 151 -4.43 -4.92 19.72
N PHE B 152 -3.38 -5.66 19.35
CA PHE B 152 -3.44 -6.42 18.10
C PHE B 152 -4.50 -7.52 18.14
N ALA B 153 -5.02 -7.90 19.31
CA ALA B 153 -5.98 -9.01 19.38
C ALA B 153 -7.43 -8.56 19.56
N ARG B 154 -7.68 -7.25 19.60
CA ARG B 154 -9.03 -6.74 19.83
C ARG B 154 -9.65 -6.30 18.51
N PHE B 155 -10.92 -6.64 18.28
CA PHE B 155 -11.53 -6.13 17.05
C PHE B 155 -11.52 -4.61 17.02
N ALA B 156 -11.22 -4.05 15.85
CA ALA B 156 -11.12 -2.60 15.73
C ALA B 156 -12.52 -2.01 15.74
N ARG B 157 -12.64 -0.72 16.07
CA ARG B 157 -14.01 -0.18 16.06
C ARG B 157 -14.39 0.23 14.63
N ASP B 166 -15.28 -6.11 13.43
CA ASP B 166 -15.34 -7.46 12.89
C ASP B 166 -13.97 -7.98 12.49
N GLU B 167 -12.92 -7.16 12.60
CA GLU B 167 -11.61 -7.65 12.17
C GLU B 167 -10.53 -7.01 13.03
N LEU B 168 -9.39 -7.69 13.09
CA LEU B 168 -8.19 -7.13 13.73
C LEU B 168 -7.55 -6.11 12.81
N ARG B 169 -6.92 -5.07 13.33
CA ARG B 169 -6.31 -4.09 12.43
C ARG B 169 -5.13 -3.41 13.08
N LEU B 170 -4.21 -2.94 12.25
CA LEU B 170 -3.21 -1.95 12.66
CA LEU B 170 -3.21 -1.97 12.72
C LEU B 170 -3.88 -0.71 13.25
N PRO B 171 -3.23 0.00 14.15
CA PRO B 171 -3.80 1.24 14.68
C PRO B 171 -4.19 2.22 13.59
N ILE B 172 -5.29 2.93 13.81
CA ILE B 172 -5.69 4.01 12.89
C ILE B 172 -4.51 4.92 12.60
N LEU B 173 -3.86 5.39 13.67
CA LEU B 173 -2.79 6.36 13.53
C LEU B 173 -1.63 5.85 12.70
N VAL B 174 -1.31 4.57 12.83
CA VAL B 174 -0.20 4.02 12.04
C VAL B 174 -0.48 4.02 10.54
N THR B 175 -1.77 4.14 10.17
CA THR B 175 -2.16 4.09 8.76
C THR B 175 -2.33 5.46 8.13
N MET B 176 -2.01 6.52 8.86
CA MET B 176 -2.19 7.90 8.42
C MET B 176 -0.85 8.54 8.08
N PRO B 177 -0.57 8.89 6.82
CA PRO B 177 0.69 9.56 6.52
C PRO B 177 0.91 10.90 7.22
N MET B 178 -0.17 11.64 7.46
CA MET B 178 -0.13 12.96 8.08
C MET B 178 -1.04 12.99 9.30
N VAL B 179 -0.75 13.92 10.20
CA VAL B 179 -1.58 14.09 11.39
C VAL B 179 -1.71 15.56 11.72
N LYS B 180 -2.91 16.01 12.09
CA LYS B 180 -3.11 17.39 12.48
C LYS B 180 -2.74 17.65 13.93
N VAL B 181 -1.96 18.71 14.16
CA VAL B 181 -1.55 19.01 15.53
C VAL B 181 -1.89 20.45 15.84
N LEU B 182 -1.98 20.77 17.12
CA LEU B 182 -2.19 22.13 17.57
C LEU B 182 -0.92 22.95 17.38
N VAL B 183 -1.11 24.24 17.20
CA VAL B 183 -0.01 25.20 17.20
C VAL B 183 -0.03 26.02 18.48
N PRO B 184 0.88 25.79 19.41
CA PRO B 184 0.76 26.53 20.68
C PRO B 184 0.89 28.03 20.39
N GLY B 185 0.03 28.81 21.04
CA GLY B 185 0.00 30.25 20.83
C GLY B 185 -0.93 30.71 19.75
N GLN B 186 -1.49 29.76 18.98
CA GLN B 186 -2.41 30.14 17.92
C GLN B 186 -3.72 29.36 18.09
N PRO B 187 -4.63 29.86 18.92
CA PRO B 187 -5.85 29.12 19.23
C PRO B 187 -6.61 28.74 17.97
N GLY B 188 -7.04 27.49 17.85
CA GLY B 188 -7.86 27.09 16.72
C GLY B 188 -7.03 26.73 15.51
N LYS B 189 -5.76 27.15 15.52
CA LYS B 189 -4.86 26.80 14.42
C LYS B 189 -4.43 25.34 14.54
N GLN B 190 -4.62 24.59 13.46
CA GLN B 190 -3.94 23.29 13.44
C GLN B 190 -3.13 23.15 12.15
N LEU B 191 -2.06 22.36 12.21
CA LEU B 191 -1.22 22.12 11.06
C LEU B 191 -1.14 20.61 10.78
N SER B 192 -1.21 20.26 9.51
CA SER B 192 -0.97 18.88 9.13
C SER B 192 0.52 18.62 8.98
N LYS B 193 1.05 17.64 9.70
CA LYS B 193 2.48 17.33 9.66
C LYS B 193 2.72 15.86 9.39
N PRO B 194 3.89 15.50 8.88
CA PRO B 194 4.17 14.07 8.65
C PRO B 194 4.04 13.32 9.97
N ASN B 195 3.42 12.16 9.92
CA ASN B 195 3.12 11.42 11.15
C ASN B 195 4.30 10.53 11.52
N PRO B 196 4.94 10.76 12.66
CA PRO B 196 6.12 9.96 13.02
C PRO B 196 5.77 8.52 13.36
N LEU B 197 4.47 8.19 13.50
CA LEU B 197 4.10 6.78 13.73
C LEU B 197 3.93 6.01 12.43
N TYR B 198 3.89 6.70 11.30
CA TYR B 198 3.62 6.03 10.01
C TYR B 198 4.83 5.28 9.49
N ARG B 199 6.01 5.83 9.71
CA ARG B 199 7.29 5.30 9.26
C ARG B 199 8.39 6.04 10.01
N PHE B 200 9.58 5.44 9.99
CA PHE B 200 10.79 6.16 10.34
C PHE B 200 11.65 6.33 9.08
N GLN B 201 11.97 7.56 8.75
CA GLN B 201 12.74 7.90 7.55
C GLN B 201 14.06 8.55 7.94
N MET B 202 15.15 8.10 7.38
CA MET B 202 16.44 8.78 7.47
C MET B 202 16.76 9.62 6.25
N GLN B 203 17.89 10.33 6.26
CA GLN B 203 18.16 11.26 5.16
C GLN B 203 18.83 10.58 3.98
N THR B 204 19.30 9.37 4.24
CA THR B 204 19.95 8.58 3.19
C THR B 204 19.66 7.11 3.38
N LEU B 205 20.12 6.28 2.44
CA LEU B 205 19.96 4.83 2.60
C LEU B 205 20.69 4.36 3.85
N MET B 206 20.06 3.44 4.58
CA MET B 206 20.65 3.08 5.87
C MET B 206 21.95 2.31 5.69
N GLY B 207 22.19 1.74 4.51
CA GLY B 207 23.45 1.09 4.24
C GLY B 207 24.59 2.06 4.03
N THR B 208 24.31 3.36 3.99
CA THR B 208 25.38 4.32 3.75
C THR B 208 25.49 5.38 4.84
N LEU B 209 24.91 5.13 6.00
CA LEU B 209 25.12 6.01 7.14
C LEU B 209 26.60 6.05 7.54
N GLU B 210 26.95 7.15 8.21
CA GLU B 210 28.30 7.30 8.72
C GLU B 210 28.68 6.12 9.60
N ARG B 211 29.90 5.62 9.48
CA ARG B 211 30.38 4.57 10.35
C ARG B 211 30.36 5.05 11.81
N PRO B 212 30.06 4.18 12.76
CA PRO B 212 29.80 2.76 12.55
C PRO B 212 28.34 2.40 12.37
N TYR B 213 27.49 3.31 11.91
CA TYR B 213 26.06 3.08 12.03
C TYR B 213 25.38 2.45 10.84
N ALA B 214 26.11 2.19 9.73
CA ALA B 214 25.46 1.61 8.57
C ALA B 214 24.82 0.25 8.89
N ILE B 215 23.64 0.09 8.31
CA ILE B 215 22.86 -1.13 8.33
C ILE B 215 23.26 -1.96 7.10
N THR B 216 24.04 -2.99 7.39
CA THR B 216 24.67 -3.83 6.37
C THR B 216 24.91 -5.25 6.88
N SER B 226 23.40 -13.96 7.44
CA SER B 226 23.39 -12.65 6.80
C SER B 226 21.93 -12.23 6.55
N PHE B 227 21.69 -10.92 6.53
CA PHE B 227 20.43 -10.38 6.05
C PHE B 227 20.13 -10.94 4.66
N ASP B 228 18.90 -11.39 4.45
CA ASP B 228 18.44 -11.91 3.17
C ASP B 228 17.42 -10.96 2.54
N LEU B 229 17.38 -9.73 3.04
CA LEU B 229 16.49 -8.70 2.48
C LEU B 229 17.30 -7.42 2.31
N PRO B 230 17.01 -6.60 1.31
CA PRO B 230 17.86 -5.43 1.04
C PRO B 230 17.65 -4.25 1.98
N PHE B 231 17.80 -4.48 3.29
CA PHE B 231 17.55 -3.40 4.25
C PHE B 231 18.62 -2.32 4.17
N ASP B 232 19.80 -2.65 3.67
CA ASP B 232 20.84 -1.66 3.39
C ASP B 232 20.40 -0.64 2.33
N LYS B 233 19.40 -1.01 1.54
CA LYS B 233 18.94 -0.18 0.44
C LYS B 233 17.71 0.64 0.82
N CYS B 234 17.29 0.59 2.08
CA CYS B 234 16.12 1.32 2.54
C CYS B 234 16.53 2.63 3.23
N GLN B 235 15.80 3.69 2.92
CA GLN B 235 15.88 4.94 3.66
C GLN B 235 14.82 5.02 4.75
N SER B 236 13.66 4.44 4.47
CA SER B 236 12.53 4.40 5.40
C SER B 236 12.12 2.96 5.68
N THR B 237 11.49 2.80 6.84
CA THR B 237 10.86 1.54 7.21
C THR B 237 9.68 1.28 6.27
N THR B 238 9.36 0.01 6.07
CA THR B 238 8.30 -0.38 5.14
C THR B 238 7.55 -1.60 5.66
N LYS B 239 6.28 -1.70 5.29
CA LYS B 239 5.48 -2.91 5.54
C LYS B 239 5.12 -3.54 4.19
N TYR B 240 5.61 -4.75 3.90
CA TYR B 240 5.36 -5.47 2.66
C TYR B 240 5.92 -4.73 1.44
N GLY B 241 6.81 -3.77 1.59
CA GLY B 241 7.26 -2.99 0.46
C GLY B 241 8.40 -3.55 -0.36
N LEU B 242 9.15 -4.51 0.16
CA LEU B 242 10.34 -5.01 -0.55
C LEU B 242 9.99 -6.26 -1.32
N LEU B 243 10.01 -6.17 -2.64
CA LEU B 243 9.75 -7.30 -3.52
C LEU B 243 10.88 -7.37 -4.54
N GLU B 244 11.29 -8.57 -4.86
CA GLU B 244 12.27 -8.79 -5.93
C GLU B 244 11.73 -8.32 -7.27
N ASN B 245 12.60 -7.88 -8.17
CA ASN B 245 12.18 -7.66 -9.56
C ASN B 245 11.58 -6.28 -9.72
N TYR B 246 11.80 -5.37 -8.79
CA TYR B 246 11.47 -3.95 -8.93
C TYR B 246 12.77 -3.18 -8.85
N ASN B 247 12.78 -1.97 -9.41
CA ASN B 247 13.98 -1.14 -9.35
C ASN B 247 14.43 -0.94 -7.90
N ALA B 248 15.75 -1.06 -7.64
CA ALA B 248 16.25 -0.95 -6.28
C ALA B 248 15.88 0.39 -5.66
N ASP B 249 15.63 1.44 -6.44
CA ASP B 249 15.26 2.70 -5.81
C ASP B 249 13.84 2.67 -5.25
N VAL B 250 13.02 1.71 -5.65
CA VAL B 250 11.71 1.52 -5.02
C VAL B 250 11.89 1.07 -3.57
N TRP B 251 12.96 0.32 -3.31
CA TRP B 251 13.20 -0.16 -1.96
C TRP B 251 13.63 0.95 -1.00
N ALA B 252 14.09 2.10 -1.48
CA ALA B 252 14.43 3.18 -0.55
C ALA B 252 13.26 3.47 0.39
N ASP B 253 12.04 3.45 -0.15
CA ASP B 253 10.84 3.58 0.69
C ASP B 253 9.73 2.79 0.02
N GLY B 254 9.53 1.56 0.50
CA GLY B 254 8.59 0.66 -0.15
C GLY B 254 7.15 0.90 0.24
N GLY B 255 6.91 1.91 1.10
CA GLY B 255 5.55 2.24 1.49
C GLY B 255 5.03 1.42 2.65
N GLN B 256 3.82 1.78 3.06
CA GLN B 256 3.16 1.13 4.20
C GLN B 256 1.91 0.40 3.69
N ASN B 257 2.07 -0.88 3.37
CA ASN B 257 0.92 -1.61 2.87
C ASN B 257 0.11 -2.15 4.04
N TRP B 258 -0.58 -1.21 4.69
CA TRP B 258 -1.31 -1.50 5.91
C TRP B 258 -2.53 -2.38 5.68
N LEU B 259 -3.12 -2.30 4.48
CA LEU B 259 -4.20 -3.23 4.15
C LEU B 259 -3.69 -4.67 4.06
N ARG B 260 -2.49 -4.83 3.51
CA ARG B 260 -1.92 -6.19 3.45
C ARG B 260 -1.56 -6.72 4.82
N ALA B 261 -1.02 -5.85 5.68
CA ALA B 261 -0.71 -6.23 7.06
C ALA B 261 -1.99 -6.61 7.81
N ASN B 262 -3.07 -5.85 7.62
CA ASN B 262 -4.34 -6.20 8.26
C ASN B 262 -4.80 -7.58 7.78
N LEU B 263 -4.63 -7.88 6.50
CA LEU B 263 -5.06 -9.20 6.00
C LEU B 263 -4.29 -10.28 6.73
N ALA B 264 -2.97 -10.12 6.83
CA ALA B 264 -2.14 -11.09 7.53
C ALA B 264 -2.54 -11.26 8.99
N LEU B 265 -2.84 -10.16 9.65
CA LEU B 265 -3.22 -10.20 11.07
CA LEU B 265 -3.25 -10.13 11.06
C LEU B 265 -4.52 -10.95 11.31
N ASN B 266 -5.34 -11.06 10.28
CA ASN B 266 -6.61 -11.77 10.36
C ASN B 266 -6.48 -13.20 9.88
N GLU B 267 -5.27 -13.75 9.87
CA GLU B 267 -5.06 -15.13 9.45
C GLU B 267 -5.98 -16.08 10.20
N HIS B 268 -6.53 -17.02 9.43
CA HIS B 268 -7.38 -18.07 9.96
C HIS B 268 -7.37 -19.23 8.99
N PRO B 269 -7.91 -20.38 9.36
CA PRO B 269 -7.91 -21.52 8.44
C PRO B 269 -8.58 -21.19 7.11
N TRP B 270 -8.05 -21.77 6.04
CA TRP B 270 -8.56 -21.58 4.69
C TRP B 270 -10.05 -21.91 4.58
N TYR B 271 -10.52 -22.98 5.25
CA TYR B 271 -11.89 -23.43 5.02
C TYR B 271 -12.89 -22.36 5.45
N GLN B 272 -12.47 -21.45 6.33
CA GLN B 272 -13.41 -20.45 6.84
C GLN B 272 -13.73 -19.37 5.82
N ASN B 273 -13.06 -19.36 4.65
CA ASN B 273 -13.45 -18.40 3.62
C ASN B 273 -14.50 -19.02 2.70
N LEU B 274 -14.82 -20.29 2.95
CA LEU B 274 -15.89 -20.93 2.16
C LEU B 274 -17.27 -20.53 2.66
N ASP B 275 -18.24 -20.57 1.75
CA ASP B 275 -19.61 -20.28 2.18
C ASP B 275 -20.11 -21.32 3.18
N GLY B 276 -20.80 -20.84 4.21
CA GLY B 276 -21.45 -21.69 5.19
C GLY B 276 -20.58 -22.04 6.38
N TRP B 277 -19.51 -21.27 6.60
CA TRP B 277 -18.62 -21.41 7.73
C TRP B 277 -18.25 -20.04 8.33
N ASP B 278 -18.22 -19.94 9.65
CA ASP B 278 -17.87 -18.69 10.30
C ASP B 278 -16.38 -18.60 10.64
N SER B 279 -15.80 -17.40 10.56
CA SER B 279 -14.36 -17.31 10.78
C SER B 279 -14.04 -16.79 12.19
N VAL B 280 -12.86 -17.17 12.67
CA VAL B 280 -12.32 -16.66 13.93
C VAL B 280 -10.88 -16.27 13.71
N PRO B 281 -10.40 -15.06 14.04
CA PRO B 281 -8.98 -14.74 13.82
C PRO B 281 -8.09 -15.57 14.73
N THR B 282 -7.16 -16.31 14.15
CA THR B 282 -6.27 -17.16 14.94
C THR B 282 -5.54 -16.34 15.98
N LEU B 283 -5.16 -15.10 15.67
CA LEU B 283 -4.43 -14.30 16.66
C LEU B 283 -5.29 -14.03 17.88
N GLN B 284 -6.59 -13.83 17.67
CA GLN B 284 -7.44 -13.55 18.85
C GLN B 284 -7.66 -14.83 19.67
N ASP B 285 -7.86 -15.95 19.00
CA ASP B 285 -7.97 -17.26 19.70
C ASP B 285 -6.69 -17.55 20.47
N MET B 286 -5.52 -17.41 19.85
CA MET B 286 -4.25 -17.60 20.55
C MET B 286 -4.14 -16.71 21.79
N THR B 287 -4.50 -15.45 21.67
CA THR B 287 -4.32 -14.50 22.78
C THR B 287 -5.28 -14.86 23.90
N PHE B 288 -6.50 -15.25 23.54
CA PHE B 288 -7.48 -15.65 24.56
C PHE B 288 -6.99 -16.88 25.27
N ARG B 289 -6.45 -17.85 24.54
CA ARG B 289 -5.87 -19.04 25.18
C ARG B 289 -4.71 -18.66 26.08
N LEU B 290 -3.80 -17.79 25.64
CA LEU B 290 -2.65 -17.40 26.44
C LEU B 290 -3.05 -16.85 27.81
N LEU B 291 -4.06 -15.99 27.78
CA LEU B 291 -4.47 -15.30 29.00
C LEU B 291 -5.32 -16.18 29.91
N THR B 292 -6.03 -17.16 29.37
CA THR B 292 -7.02 -17.92 30.13
C THR B 292 -6.49 -19.25 30.62
N THR B 293 -5.52 -19.84 29.93
CA THR B 293 -5.01 -21.15 30.31
C THR B 293 -4.26 -21.07 31.64
N GLY B 294 -4.69 -21.89 32.59
CA GLY B 294 -4.02 -21.95 33.88
C GLY B 294 -2.84 -22.90 33.87
N GLY B 295 -2.03 -22.83 34.93
CA GLY B 295 -1.07 -23.86 35.21
C GLY B 295 0.28 -23.72 34.57
N LEU B 296 0.53 -22.64 33.81
CA LEU B 296 1.86 -22.51 33.20
C LEU B 296 2.84 -21.92 34.22
N ASN B 297 4.07 -22.41 34.16
CA ASN B 297 5.09 -21.74 34.97
C ASN B 297 5.69 -20.61 34.16
N TRP B 298 6.49 -19.74 34.78
CA TRP B 298 7.08 -18.60 34.08
C TRP B 298 7.88 -19.03 32.87
N GLY B 299 8.65 -20.11 32.98
CA GLY B 299 9.45 -20.56 31.84
C GLY B 299 8.61 -20.94 30.63
N GLU B 300 7.43 -21.51 30.88
CA GLU B 300 6.53 -21.87 29.79
C GLU B 300 5.91 -20.64 29.15
N PHE B 301 5.46 -19.71 29.98
CA PHE B 301 4.74 -18.53 29.45
C PHE B 301 5.64 -17.54 28.74
N SER B 302 6.84 -17.35 29.29
CA SER B 302 7.63 -16.16 28.95
C SER B 302 8.34 -16.22 27.60
N SER B 303 8.50 -17.40 27.05
CA SER B 303 9.45 -17.56 25.95
C SER B 303 9.11 -18.76 25.07
N THR B 304 9.65 -18.72 23.85
CA THR B 304 9.68 -19.91 22.99
C THR B 304 10.73 -20.92 23.46
N ARG B 305 11.64 -20.56 24.37
CA ARG B 305 12.77 -21.42 24.66
C ARG B 305 12.34 -22.80 25.17
N TYR B 306 12.95 -23.85 24.65
CA TYR B 306 12.69 -25.23 25.04
C TYR B 306 14.02 -25.96 25.13
N ASP B 307 14.33 -26.41 26.34
CA ASP B 307 15.65 -26.96 26.63
C ASP B 307 15.68 -28.48 26.52
N ALA B 321 4.82 -31.25 27.97
CA ALA B 321 3.38 -31.08 27.84
C ALA B 321 3.07 -29.94 26.86
N PRO B 322 2.67 -30.37 25.68
CA PRO B 322 2.36 -29.48 24.57
C PRO B 322 1.23 -28.51 24.87
N LYS B 323 0.31 -28.86 25.76
CA LYS B 323 -0.76 -27.94 26.14
C LYS B 323 -0.19 -26.62 26.63
N ASN B 324 1.03 -26.63 27.17
CA ASN B 324 1.65 -25.46 27.74
C ASN B 324 2.61 -24.73 26.82
N TRP B 325 2.61 -25.06 25.53
CA TRP B 325 3.51 -24.42 24.59
C TRP B 325 2.92 -23.16 23.96
N MET B 326 1.70 -22.76 24.32
CA MET B 326 1.18 -21.45 23.90
C MET B 326 1.81 -20.36 24.76
N ASN B 327 2.77 -19.65 24.17
CA ASN B 327 3.58 -18.71 24.97
C ASN B 327 3.56 -17.32 24.37
N LEU B 328 3.96 -16.35 25.18
CA LEU B 328 3.90 -14.94 24.80
C LEU B 328 4.79 -14.66 23.59
N GLU B 329 6.00 -15.22 23.61
CA GLU B 329 6.99 -14.87 22.59
C GLU B 329 6.56 -15.39 21.23
N ALA B 330 5.96 -16.58 21.19
CA ALA B 330 5.50 -17.16 19.92
C ALA B 330 4.40 -16.31 19.29
N ILE B 331 3.44 -15.84 20.09
CA ILE B 331 2.41 -14.96 19.53
C ILE B 331 3.06 -13.69 19.02
N HIS B 332 3.96 -13.12 19.81
CA HIS B 332 4.72 -11.91 19.45
C HIS B 332 5.47 -12.11 18.13
N ASN B 333 6.04 -13.30 17.92
CA ASN B 333 6.80 -13.58 16.70
C ASN B 333 5.89 -13.57 15.46
N ASN B 334 4.70 -14.18 15.60
CA ASN B 334 3.77 -14.18 14.47
C ASN B 334 3.34 -12.74 14.14
N VAL B 335 3.09 -11.91 15.16
CA VAL B 335 2.66 -10.54 14.88
C VAL B 335 3.76 -9.79 14.13
N HIS B 336 5.02 -9.97 14.52
CA HIS B 336 6.13 -9.36 13.76
C HIS B 336 6.03 -9.71 12.28
N ASN B 337 5.88 -10.99 11.98
CA ASN B 337 5.74 -11.43 10.58
C ASN B 337 4.57 -10.75 9.90
N TRP B 338 3.40 -10.80 10.55
CA TRP B 338 2.18 -10.33 9.89
C TRP B 338 2.19 -8.84 9.66
N VAL B 339 2.84 -8.05 10.52
CA VAL B 339 2.93 -6.60 10.29
C VAL B 339 3.90 -6.27 9.17
N GLY B 340 5.08 -6.91 9.10
CA GLY B 340 6.11 -6.51 8.16
C GLY B 340 6.10 -7.22 6.85
N GLY B 341 5.80 -8.50 6.84
CA GLY B 341 6.06 -9.40 5.73
C GLY B 341 7.51 -9.87 5.71
N PHE B 342 7.77 -11.12 5.33
CA PHE B 342 9.14 -11.60 5.25
C PHE B 342 9.53 -12.17 3.89
N MET B 343 8.58 -12.41 3.00
CA MET B 343 8.93 -13.03 1.70
C MET B 343 9.18 -11.97 0.64
N PHE B 344 10.38 -11.97 0.09
CA PHE B 344 10.82 -11.05 -0.93
C PHE B 344 10.36 -11.45 -2.31
N SER B 345 10.14 -12.75 -2.51
CA SER B 345 9.86 -13.27 -3.83
C SER B 345 8.92 -14.47 -3.73
N ARG B 346 8.41 -14.86 -4.89
CA ARG B 346 7.72 -16.15 -5.04
C ARG B 346 8.11 -16.75 -6.39
N PRO B 347 8.34 -18.05 -6.48
CA PRO B 347 8.63 -18.67 -7.78
C PRO B 347 7.43 -18.58 -8.72
N GLY B 348 7.66 -18.73 -10.02
CA GLY B 348 6.57 -18.79 -10.98
C GLY B 348 6.03 -17.45 -11.39
N ARG B 349 4.89 -17.43 -12.08
CA ARG B 349 4.27 -16.18 -12.52
C ARG B 349 2.94 -15.99 -11.78
N HIS B 350 2.75 -14.84 -11.15
CA HIS B 350 1.59 -14.52 -10.35
C HIS B 350 1.19 -13.06 -10.55
N ASP B 351 -0.02 -12.82 -11.05
CA ASP B 351 -0.55 -11.47 -11.22
C ASP B 351 -0.73 -10.78 -9.88
N LEU B 352 -1.53 -11.43 -9.03
CA LEU B 352 -1.72 -10.95 -7.66
C LEU B 352 -0.52 -11.34 -6.80
N LYS B 353 0.13 -10.30 -6.27
CA LYS B 353 1.38 -10.55 -5.54
C LYS B 353 1.15 -10.30 -4.05
N LEU B 354 0.98 -11.39 -3.33
CA LEU B 354 0.63 -11.38 -1.92
C LEU B 354 1.85 -11.33 -1.02
N TRP B 355 3.03 -11.41 -1.58
CA TRP B 355 4.26 -11.37 -0.81
C TRP B 355 4.73 -9.93 -0.70
N GLY B 356 5.95 -9.76 -0.21
CA GLY B 356 6.53 -8.46 0.09
C GLY B 356 7.07 -8.47 1.51
N ALA B 357 8.22 -7.84 1.69
CA ALA B 357 8.88 -7.87 2.98
C ALA B 357 9.07 -6.49 3.56
N GLY B 358 9.32 -6.49 4.87
CA GLY B 358 9.39 -5.22 5.60
C GLY B 358 10.06 -5.42 6.95
N HIS B 359 10.45 -4.29 7.55
CA HIS B 359 11.32 -4.29 8.71
C HIS B 359 10.79 -5.12 9.87
N MET B 360 9.49 -5.07 10.17
CA MET B 360 8.99 -5.75 11.38
C MET B 360 9.20 -7.25 11.38
N SER B 361 9.42 -7.88 10.21
CA SER B 361 9.65 -9.33 10.25
C SER B 361 11.09 -9.70 10.63
N SER B 362 11.98 -8.73 10.74
CA SER B 362 13.41 -8.96 10.78
C SER B 362 14.04 -8.50 12.09
N VAL B 363 14.51 -9.41 12.93
CA VAL B 363 14.99 -9.00 14.25
C VAL B 363 16.04 -7.91 14.17
N PRO B 364 17.00 -7.91 13.24
CA PRO B 364 18.01 -6.85 13.25
C PRO B 364 17.48 -5.45 13.00
N VAL B 365 16.33 -5.29 12.35
CA VAL B 365 15.87 -3.96 12.01
C VAL B 365 14.42 -3.67 12.41
N ALA B 366 13.75 -4.59 13.11
CA ALA B 366 12.32 -4.39 13.42
C ALA B 366 12.08 -3.15 14.28
N ALA B 367 12.99 -2.84 15.19
CA ALA B 367 12.80 -1.73 16.13
C ALA B 367 12.76 -0.38 15.42
N TYR B 368 13.21 -0.28 14.17
CA TYR B 368 13.09 1.02 13.48
C TYR B 368 11.65 1.32 13.12
N ASP B 369 10.77 0.34 12.94
CA ASP B 369 9.39 0.68 12.56
C ASP B 369 8.66 1.22 13.78
N PRO B 370 8.09 2.41 13.74
CA PRO B 370 7.41 2.94 14.94
C PRO B 370 6.38 2.01 15.56
N ILE B 371 5.75 1.13 14.77
CA ILE B 371 4.78 0.21 15.37
C ILE B 371 5.43 -0.79 16.30
N PHE B 372 6.75 -1.00 16.16
CA PHE B 372 7.47 -1.91 17.07
C PHE B 372 7.14 -1.62 18.53
N TRP B 373 7.23 -0.34 18.88
CA TRP B 373 7.10 0.07 20.28
C TRP B 373 5.68 -0.11 20.79
N LEU B 374 4.70 0.05 19.90
CA LEU B 374 3.30 -0.09 20.25
C LEU B 374 2.93 -1.58 20.41
N HIS B 375 3.53 -2.42 19.56
CA HIS B 375 3.45 -3.88 19.70
C HIS B 375 4.05 -4.30 21.03
N HIS B 376 5.28 -3.88 21.31
CA HIS B 376 5.88 -4.25 22.59
C HIS B 376 5.18 -3.64 23.79
N CYS B 377 4.52 -2.50 23.65
CA CYS B 377 3.71 -2.00 24.76
C CYS B 377 2.57 -2.97 25.05
N ASN B 378 1.93 -3.54 24.02
CA ASN B 378 0.90 -4.54 24.30
C ASN B 378 1.48 -5.87 24.80
N ILE B 379 2.67 -6.26 24.35
CA ILE B 379 3.30 -7.47 24.89
C ILE B 379 3.58 -7.27 26.36
N ASP B 380 3.95 -6.04 26.76
CA ASP B 380 4.13 -5.76 28.19
C ASP B 380 2.81 -5.84 28.94
N ARG B 381 1.74 -5.33 28.35
CA ARG B 381 0.39 -5.38 28.90
C ARG B 381 -0.04 -6.83 29.06
N LEU B 382 0.14 -7.67 28.04
CA LEU B 382 -0.17 -9.09 28.17
C LEU B 382 0.61 -9.74 29.29
N THR B 383 1.88 -9.38 29.46
CA THR B 383 2.66 -9.93 30.56
C THR B 383 2.04 -9.51 31.89
N ALA B 384 1.65 -8.23 32.02
CA ALA B 384 1.05 -7.75 33.26
C ALA B 384 -0.28 -8.44 33.53
N ILE B 385 -1.10 -8.62 32.50
CA ILE B 385 -2.34 -9.37 32.70
C ILE B 385 -2.05 -10.79 33.17
N TRP B 386 -1.16 -11.52 32.49
CA TRP B 386 -0.88 -12.91 32.86
C TRP B 386 -0.32 -12.96 34.27
N GLN B 387 0.57 -12.04 34.60
CA GLN B 387 1.10 -11.96 35.97
C GLN B 387 -0.03 -11.84 36.98
N THR B 388 -1.00 -10.98 36.67
CA THR B 388 -2.07 -10.73 37.63
C THR B 388 -2.87 -11.99 37.93
N VAL B 389 -3.10 -12.84 36.92
CA VAL B 389 -3.90 -14.05 37.08
C VAL B 389 -3.03 -15.28 37.31
N ASN B 390 -1.71 -15.12 37.39
CA ASN B 390 -0.79 -16.19 37.75
C ASN B 390 0.23 -15.69 38.76
N SER B 391 -0.23 -15.17 39.90
CA SER B 391 0.68 -14.30 40.67
C SER B 391 1.81 -15.02 41.36
N GLY B 392 1.84 -16.35 41.50
CA GLY B 392 3.04 -16.94 42.07
C GLY B 392 4.07 -17.38 41.04
N SER B 393 3.76 -17.23 39.76
CA SER B 393 4.53 -17.85 38.69
C SER B 393 5.51 -16.85 38.08
N TRP B 394 6.55 -16.54 38.86
CA TRP B 394 7.55 -15.56 38.46
C TRP B 394 8.93 -16.20 38.54
N PHE B 395 9.52 -16.53 37.41
CA PHE B 395 10.81 -17.23 37.37
C PHE B 395 10.82 -18.39 38.36
N ASN B 396 9.74 -19.17 38.37
CA ASN B 396 9.47 -20.11 39.46
C ASN B 396 9.86 -21.52 39.09
N ASP B 397 10.32 -21.74 37.88
CA ASP B 397 10.71 -23.09 37.44
C ASP B 397 12.22 -23.24 37.36
N ASP B 398 12.70 -24.50 37.33
CA ASP B 398 14.15 -24.73 37.39
C ASP B 398 14.86 -24.12 36.19
N LYS B 399 14.20 -24.04 35.03
CA LYS B 399 14.89 -23.50 33.86
C LYS B 399 14.97 -21.98 33.92
N SER B 400 13.88 -21.30 34.25
CA SER B 400 13.99 -19.84 34.22
C SER B 400 14.69 -19.28 35.44
N LYS B 401 14.72 -20.00 36.56
CA LYS B 401 15.34 -19.47 37.78
C LYS B 401 16.76 -19.01 37.49
N VAL B 402 17.49 -19.75 36.67
CA VAL B 402 18.87 -19.44 36.33
C VAL B 402 19.07 -18.09 35.67
N SER B 403 18.04 -17.56 35.03
CA SER B 403 18.12 -16.33 34.26
C SER B 403 17.57 -15.14 35.03
N LYS B 404 16.86 -15.38 36.13
CA LYS B 404 16.22 -14.31 36.88
C LYS B 404 17.17 -13.18 37.24
N ASP B 405 18.42 -13.50 37.54
CA ASP B 405 19.37 -12.48 37.99
C ASP B 405 20.24 -11.90 36.88
N ASP B 406 19.95 -12.22 35.63
CA ASP B 406 20.74 -11.67 34.53
C ASP B 406 20.66 -10.14 34.48
N ASP B 407 21.79 -9.48 34.25
CA ASP B 407 21.78 -8.06 33.97
C ASP B 407 21.06 -7.78 32.65
N LEU B 408 20.11 -6.87 32.66
CA LEU B 408 19.39 -6.50 31.43
C LEU B 408 20.10 -5.33 30.75
N ARG B 409 21.26 -5.68 30.19
CA ARG B 409 22.10 -4.71 29.51
C ARG B 409 21.35 -4.20 28.28
N PRO B 410 21.49 -2.94 27.90
CA PRO B 410 22.42 -1.96 28.45
C PRO B 410 21.77 -0.99 29.42
N PHE B 411 20.70 -1.39 30.09
CA PHE B 411 19.83 -0.46 30.82
C PHE B 411 20.29 -0.17 32.23
N HIS B 412 20.62 1.10 32.50
CA HIS B 412 21.16 1.47 33.81
C HIS B 412 20.09 2.03 34.75
N ARG B 413 20.34 1.86 36.04
CA ARG B 413 19.55 2.46 37.12
C ARG B 413 20.44 2.71 38.31
N PHE B 414 20.06 3.63 39.20
CA PHE B 414 20.83 3.84 40.42
C PHE B 414 20.33 2.92 41.52
N CYS B 415 21.21 2.05 42.03
CA CYS B 415 20.83 1.26 43.20
C CYS B 415 20.99 2.02 44.50
N GLU B 416 19.86 2.26 45.17
CA GLU B 416 19.82 3.13 46.33
C GLU B 416 20.29 2.37 47.56
N LYS B 417 20.34 1.05 47.40
CA LYS B 417 20.76 0.22 48.53
C LYS B 417 22.27 0.10 48.57
N THR B 418 22.93 0.07 47.41
CA THR B 418 24.39 -0.05 47.37
C THR B 418 25.03 1.24 46.87
N ARG B 419 24.21 2.21 46.50
CA ARG B 419 24.71 3.49 46.02
C ARG B 419 25.61 3.31 44.81
N LYS B 420 25.21 2.43 43.90
CA LYS B 420 25.98 2.27 42.67
C LYS B 420 25.06 2.31 41.46
N VAL B 421 25.63 2.71 40.32
CA VAL B 421 24.90 2.58 39.06
C VAL B 421 25.09 1.13 38.62
N VAL B 422 23.96 0.49 38.38
CA VAL B 422 23.91 -0.94 38.08
C VAL B 422 23.02 -1.13 36.86
N PHE B 423 23.03 -2.37 36.34
CA PHE B 423 22.01 -2.69 35.34
C PHE B 423 20.69 -3.11 35.96
N PHE B 424 19.59 -2.85 35.27
CA PHE B 424 18.31 -3.45 35.62
C PHE B 424 18.42 -4.97 35.72
N ARG B 425 17.65 -5.55 36.62
CA ARG B 425 17.41 -6.98 36.68
C ARG B 425 15.91 -7.25 36.71
N SER B 426 15.53 -8.48 36.36
CA SER B 426 14.10 -8.77 36.22
C SER B 426 13.29 -8.45 37.45
N ASP B 427 13.78 -8.80 38.64
CA ASP B 427 13.01 -8.49 39.85
C ASP B 427 12.71 -7.02 40.02
N ASP B 428 13.56 -6.13 39.47
CA ASP B 428 13.29 -4.70 39.61
C ASP B 428 11.99 -4.30 38.90
N VAL B 429 11.55 -5.10 37.93
CA VAL B 429 10.37 -4.70 37.16
C VAL B 429 9.25 -5.72 37.26
N LYS B 430 9.30 -6.58 38.28
CA LYS B 430 8.21 -7.52 38.52
C LYS B 430 6.89 -6.78 38.67
N ASP B 431 6.91 -5.71 39.45
CA ASP B 431 5.76 -4.81 39.57
C ASP B 431 5.97 -3.65 38.59
N TRP B 432 5.27 -3.71 37.47
CA TRP B 432 5.44 -2.66 36.44
C TRP B 432 5.13 -1.28 37.00
N ARG B 433 4.27 -1.22 38.02
CA ARG B 433 3.93 0.07 38.62
C ARG B 433 5.10 0.72 39.32
N SER B 434 6.17 -0.02 39.59
CA SER B 434 7.40 0.60 40.07
C SER B 434 7.95 1.60 39.03
N LEU B 435 7.55 1.42 37.77
CA LEU B 435 8.01 2.32 36.71
C LEU B 435 7.00 3.43 36.43
N ASN B 436 6.02 3.57 37.30
CA ASN B 436 5.04 4.64 37.29
C ASN B 436 4.15 4.68 36.06
N TYR B 437 3.71 3.49 35.65
CA TYR B 437 2.61 3.38 34.71
C TYR B 437 1.75 2.18 35.12
N ASP B 438 0.55 2.14 34.56
CA ASP B 438 -0.34 1.00 34.76
C ASP B 438 -1.17 0.80 33.49
N TYR B 439 -2.01 -0.23 33.54
CA TYR B 439 -2.96 -0.47 32.46
C TYR B 439 -4.36 -0.47 33.07
N ALA B 440 -5.37 -0.01 32.35
CA ALA B 440 -6.73 -0.06 32.89
C ALA B 440 -7.11 -1.48 33.31
N ILE B 441 -6.72 -2.48 32.51
CA ILE B 441 -7.18 -3.83 32.79
C ILE B 441 -6.56 -4.42 34.07
N THR B 442 -5.39 -3.93 34.46
CA THR B 442 -4.78 -4.45 35.69
C THR B 442 -5.08 -3.61 36.91
N LYS B 443 -5.97 -2.62 36.81
CA LYS B 443 -6.32 -1.87 38.01
C LYS B 443 -7.21 -2.66 38.97
N ASP B 444 -7.94 -3.67 38.51
CA ASP B 444 -8.87 -4.42 39.34
C ASP B 444 -8.83 -5.92 39.06
N ALA B 445 -8.14 -6.63 39.95
CA ALA B 445 -7.90 -8.05 39.70
C ALA B 445 -9.22 -8.82 39.67
N SER B 446 -10.15 -8.45 40.54
CA SER B 446 -11.42 -9.12 40.66
C SER B 446 -12.24 -9.17 39.37
N ARG B 447 -12.00 -8.28 38.42
CA ARG B 447 -12.80 -8.20 37.21
C ARG B 447 -12.00 -8.55 35.97
N ILE B 448 -10.70 -8.81 36.17
CA ILE B 448 -9.86 -9.02 35.00
C ILE B 448 -10.27 -10.25 34.21
N ARG B 449 -10.75 -11.32 34.82
CA ARG B 449 -11.15 -12.48 34.01
C ARG B 449 -12.34 -12.19 33.11
N LYS B 450 -13.30 -11.40 33.59
CA LYS B 450 -14.40 -11.00 32.72
C LYS B 450 -13.90 -10.08 31.61
N GLU B 451 -12.93 -9.21 31.90
CA GLU B 451 -12.48 -8.30 30.85
C GLU B 451 -11.77 -9.06 29.74
N ILE B 452 -10.97 -10.05 30.13
CA ILE B 452 -10.28 -10.88 29.15
C ILE B 452 -11.28 -11.54 28.21
N SER B 453 -12.36 -12.06 28.80
CA SER B 453 -13.36 -12.76 27.99
C SER B 453 -14.07 -11.78 27.07
N ASP B 454 -14.41 -10.59 27.57
CA ASP B 454 -15.15 -9.63 26.76
C ASP B 454 -14.31 -9.11 25.59
N LEU B 455 -13.00 -8.93 25.84
CA LEU B 455 -12.11 -8.39 24.82
C LEU B 455 -11.66 -9.44 23.80
N TYR B 456 -11.37 -10.66 24.26
CA TYR B 456 -10.63 -11.63 23.47
C TYR B 456 -11.38 -12.93 23.29
N GLY B 457 -12.47 -13.18 24.02
CA GLY B 457 -13.05 -14.51 24.04
C GLY B 457 -14.39 -14.65 23.33
N GLN B 458 -15.05 -13.54 22.98
CA GLN B 458 -16.42 -13.64 22.52
C GLN B 458 -16.56 -14.39 21.22
N ARG B 459 -15.73 -14.07 20.23
CA ARG B 459 -15.92 -14.70 18.91
C ARG B 459 -15.54 -16.17 18.94
N THR B 460 -14.43 -16.48 19.62
CA THR B 460 -14.01 -17.87 19.79
C THR B 460 -15.13 -18.69 20.41
N LYS B 461 -15.69 -18.20 21.51
CA LYS B 461 -16.75 -18.95 22.18
C LYS B 461 -18.00 -19.07 21.31
N GLU B 462 -18.33 -18.00 20.59
CA GLU B 462 -19.51 -17.98 19.70
C GLU B 462 -19.43 -19.08 18.66
N VAL B 463 -18.23 -19.24 18.08
CA VAL B 463 -18.07 -20.21 16.99
C VAL B 463 -17.80 -21.58 17.56
N TYR B 464 -16.92 -21.67 18.56
CA TYR B 464 -16.66 -22.99 19.13
C TYR B 464 -17.93 -23.63 19.69
N LYS B 465 -18.85 -22.83 20.22
CA LYS B 465 -20.04 -23.34 20.86
C LYS B 465 -20.96 -24.11 19.91
N ASP B 466 -20.74 -23.91 18.63
CA ASP B 466 -21.53 -24.54 17.59
C ASP B 466 -21.05 -25.97 17.37
N PHE B 467 -19.90 -26.34 17.93
CA PHE B 467 -19.38 -27.69 17.67
C PHE B 467 -19.27 -28.45 18.97
N GLY B 468 -18.95 -29.74 18.90
CA GLY B 468 -18.98 -30.54 20.12
C GLY B 468 -17.91 -30.14 21.12
N GLU B 469 -18.02 -30.66 22.34
CA GLU B 469 -17.17 -30.34 23.47
C GLU B 469 -15.89 -31.15 23.47
N GLU B 470 -14.98 -30.76 22.59
CA GLU B 470 -13.63 -31.27 22.45
C GLU B 470 -12.72 -30.12 22.04
N ASP B 471 -11.44 -30.23 22.34
CA ASP B 471 -10.48 -29.23 21.84
C ASP B 471 -9.37 -29.96 21.11
N TYR B 472 -8.79 -29.28 20.13
CA TYR B 472 -7.62 -29.77 19.44
C TYR B 472 -6.59 -28.64 19.33
N ILE B 473 -5.33 -29.00 19.51
CA ILE B 473 -4.21 -28.09 19.37
C ILE B 473 -3.09 -28.74 18.58
N LEU B 474 -2.32 -27.88 17.89
CA LEU B 474 -1.09 -28.35 17.23
C LEU B 474 0.12 -27.90 18.05
N SER B 475 1.04 -28.81 18.29
CA SER B 475 2.32 -28.46 18.89
C SER B 475 3.37 -28.34 17.77
N ILE B 476 4.26 -27.37 17.92
CA ILE B 476 5.32 -27.14 16.94
C ILE B 476 6.66 -26.90 17.64
N ARG B 477 7.67 -27.70 17.32
CA ARG B 477 9.00 -27.51 17.89
C ARG B 477 10.03 -27.47 16.76
N TYR B 478 10.90 -26.47 16.81
CA TYR B 478 11.92 -26.22 15.80
C TYR B 478 13.18 -25.64 16.39
N SER B 479 14.25 -25.59 15.59
CA SER B 479 15.44 -24.83 15.97
C SER B 479 15.46 -23.49 15.26
N ARG B 480 15.60 -22.39 16.01
CA ARG B 480 15.68 -21.08 15.38
C ARG B 480 16.89 -20.92 14.48
N TYR B 481 17.88 -21.81 14.60
CA TYR B 481 19.11 -21.74 13.84
C TYR B 481 19.11 -22.65 12.63
N ALA B 482 17.96 -23.25 12.27
CA ALA B 482 17.94 -24.34 11.28
C ALA B 482 18.29 -23.89 9.88
N LEU B 483 18.13 -22.61 9.59
CA LEU B 483 18.52 -22.04 8.30
C LEU B 483 19.67 -21.06 8.48
N GLY B 484 20.53 -21.37 9.44
CA GLY B 484 21.74 -20.61 9.69
C GLY B 484 21.47 -19.23 10.25
N GLY B 485 20.34 -19.09 10.93
CA GLY B 485 19.90 -17.86 11.55
C GLY B 485 18.90 -17.08 10.71
N LYS B 486 18.70 -17.46 9.44
CA LYS B 486 17.71 -16.83 8.60
C LYS B 486 16.31 -17.18 9.07
N PRO B 487 15.38 -16.25 8.89
CA PRO B 487 13.98 -16.52 9.28
C PRO B 487 13.33 -17.53 8.32
N PHE B 488 12.25 -18.12 8.82
CA PHE B 488 11.45 -19.02 7.99
C PHE B 488 10.04 -19.08 8.60
N GLN B 489 9.09 -19.55 7.80
CA GLN B 489 7.72 -19.72 8.29
C GLN B 489 7.31 -21.17 8.15
N ILE B 490 6.69 -21.71 9.20
CA ILE B 490 6.20 -23.08 9.18
C ILE B 490 4.70 -23.00 8.96
N ASN B 491 4.24 -23.53 7.82
CA ASN B 491 2.81 -23.55 7.53
C ASN B 491 2.25 -24.96 7.69
N ILE B 492 1.10 -25.08 8.33
CA ILE B 492 0.46 -26.37 8.56
C ILE B 492 -0.86 -26.48 7.81
N PHE B 493 -1.09 -27.66 7.24
CA PHE B 493 -2.23 -27.96 6.39
C PHE B 493 -2.92 -29.24 6.83
N PHE B 494 -4.22 -29.35 6.64
CA PHE B 494 -4.97 -30.57 6.87
C PHE B 494 -5.54 -30.99 5.51
N GLY B 495 -5.02 -32.08 4.97
CA GLY B 495 -5.42 -32.46 3.62
C GLY B 495 -4.32 -32.18 2.62
N ASP B 496 -4.59 -32.35 1.34
CA ASP B 496 -3.58 -32.20 0.31
C ASP B 496 -3.09 -30.76 0.20
N VAL B 497 -1.81 -30.60 -0.03
CA VAL B 497 -1.16 -29.29 -0.16
C VAL B 497 -1.00 -28.97 -1.64
N ASP B 498 -1.40 -27.76 -2.01
CA ASP B 498 -1.17 -27.27 -3.37
C ASP B 498 0.31 -26.96 -3.54
N GLY B 499 0.97 -27.67 -4.44
CA GLY B 499 2.41 -27.58 -4.62
C GLY B 499 2.92 -26.24 -5.12
N LYS B 500 2.03 -25.35 -5.52
CA LYS B 500 2.37 -24.00 -5.94
C LYS B 500 1.76 -22.95 -5.04
N ASP B 501 1.08 -23.37 -3.97
CA ASP B 501 0.38 -22.39 -3.12
C ASP B 501 0.26 -22.90 -1.69
N PHE B 502 1.30 -22.66 -0.89
CA PHE B 502 1.47 -23.25 0.43
C PHE B 502 1.85 -22.17 1.44
N TYR B 503 1.18 -21.04 1.35
CA TYR B 503 1.64 -19.79 1.95
C TYR B 503 0.80 -19.15 3.05
N ASP B 504 -0.53 -19.19 2.94
CA ASP B 504 -1.33 -18.29 3.79
C ASP B 504 -2.77 -18.78 3.76
N ALA B 505 -3.69 -18.00 4.29
CA ALA B 505 -5.09 -18.40 4.38
C ALA B 505 -5.75 -18.63 3.03
N ARG B 506 -5.18 -18.11 1.95
CA ARG B 506 -5.72 -18.35 0.61
C ARG B 506 -5.26 -19.68 0.06
N SER B 507 -4.31 -20.32 0.72
CA SER B 507 -3.75 -21.58 0.21
C SER B 507 -4.64 -22.75 0.64
N GLN B 508 -5.03 -23.60 -0.31
CA GLN B 508 -5.89 -24.76 -0.01
C GLN B 508 -5.47 -25.47 1.27
N ASN B 509 -6.40 -25.70 2.19
CA ASN B 509 -6.25 -26.57 3.36
C ASN B 509 -5.33 -26.00 4.43
N PHE B 510 -4.98 -24.73 4.30
CA PHE B 510 -4.15 -24.07 5.32
C PHE B 510 -4.82 -24.06 6.69
N VAL B 511 -4.02 -24.34 7.73
CA VAL B 511 -4.57 -24.32 9.09
C VAL B 511 -3.99 -23.19 9.91
N GLY B 512 -2.69 -22.94 9.80
CA GLY B 512 -2.04 -21.84 10.51
C GLY B 512 -0.53 -21.86 10.36
N SER B 513 0.12 -20.84 10.92
CA SER B 513 1.56 -20.64 10.74
C SER B 513 2.28 -20.36 12.05
N VAL B 514 3.57 -20.64 12.00
CA VAL B 514 4.52 -20.34 13.07
C VAL B 514 5.72 -19.67 12.44
N PHE B 515 6.05 -18.47 12.91
CA PHE B 515 7.14 -17.71 12.33
C PHE B 515 8.39 -17.76 13.19
N ASN B 516 9.51 -18.13 12.57
CA ASN B 516 10.79 -18.06 13.26
C ASN B 516 11.34 -16.64 13.12
N TYR B 517 11.02 -15.81 14.09
CA TYR B 517 11.54 -14.43 14.17
C TYR B 517 12.99 -14.52 14.68
N DAH B 517 11.04 -15.81 14.09
CA DAH B 517 11.53 -14.42 14.11
C DAH B 517 12.96 -14.48 14.66
O DAH B 517 13.21 -14.84 15.80
CB DAH B 517 10.53 -13.64 14.97
CG DAH B 517 10.94 -12.24 15.32
CD1 DAH B 517 10.95 -11.24 14.37
CD2 DAH B 517 11.28 -11.93 16.64
CE1 DAH B 517 11.28 -9.94 14.72
CE2 DAH B 517 11.63 -10.64 17.00
CZ DAH B 517 11.63 -9.62 16.03
OE2 DAH B 517 11.95 -10.37 18.27
OH DAH B 517 11.97 -8.37 16.39
N SER B 518 13.88 -14.41 13.70
CA SER B 518 15.19 -14.91 13.56
C SER B 518 15.64 -15.86 14.66
N VAL B 537 19.36 -26.11 22.21
CA VAL B 537 18.19 -25.32 22.59
C VAL B 537 17.26 -25.08 21.42
N LEU B 538 16.02 -25.51 21.62
CA LEU B 538 14.96 -25.44 20.62
C LEU B 538 13.95 -24.36 20.99
N SER B 539 12.90 -24.26 20.18
CA SER B 539 11.84 -23.26 20.28
C SER B 539 10.47 -23.92 20.05
N VAL B 540 9.47 -23.51 20.81
CA VAL B 540 8.15 -24.11 20.71
C VAL B 540 7.08 -23.04 20.49
N SER B 541 6.02 -23.47 19.83
CA SER B 541 4.78 -22.71 19.66
C SER B 541 3.61 -23.70 19.62
N GLN B 542 2.42 -23.15 19.63
CA GLN B 542 1.18 -23.92 19.62
C GLN B 542 0.17 -23.21 18.72
N LEU B 543 -0.65 -23.96 18.00
CA LEU B 543 -1.75 -23.38 17.23
C LEU B 543 -3.08 -23.98 17.68
N PRO B 544 -4.13 -23.18 17.69
CA PRO B 544 -5.47 -23.78 17.83
C PRO B 544 -5.71 -24.66 16.60
N ALA B 545 -6.42 -25.76 16.79
CA ALA B 545 -6.76 -26.63 15.66
C ALA B 545 -8.20 -27.11 15.69
N ARG B 546 -8.96 -26.67 16.69
CA ARG B 546 -10.27 -27.27 16.91
C ARG B 546 -11.16 -27.14 15.70
N LEU B 547 -11.26 -25.92 15.17
CA LEU B 547 -12.22 -25.69 14.08
C LEU B 547 -11.74 -26.34 12.79
N ALA B 548 -10.45 -26.23 12.49
CA ALA B 548 -9.92 -26.82 11.27
C ALA B 548 -10.06 -28.34 11.30
N VAL B 549 -9.90 -28.96 12.47
CA VAL B 549 -10.12 -30.41 12.57
C VAL B 549 -11.58 -30.75 12.28
N HIS B 550 -12.50 -29.95 12.80
CA HIS B 550 -13.91 -30.25 12.53
C HIS B 550 -14.18 -30.27 11.03
N TYR B 551 -13.75 -29.20 10.35
CA TYR B 551 -13.96 -29.14 8.90
C TYR B 551 -13.37 -30.34 8.20
N TYR B 552 -12.12 -30.68 8.52
CA TYR B 552 -11.48 -31.81 7.85
C TYR B 552 -12.28 -33.10 8.09
N LYS B 553 -12.76 -33.26 9.33
CA LYS B 553 -13.48 -34.52 9.61
C LYS B 553 -14.73 -34.61 8.74
N LYS B 554 -15.42 -33.48 8.61
CA LYS B 554 -16.63 -33.44 7.80
C LYS B 554 -16.34 -33.84 6.36
N GLN B 555 -15.14 -33.58 5.84
CA GLN B 555 -14.89 -33.93 4.43
C GLN B 555 -14.19 -35.28 4.31
N ASN B 556 -13.86 -35.90 5.44
CA ASN B 556 -13.04 -37.11 5.39
C ASN B 556 -13.59 -38.21 6.29
N LYS B 557 -14.91 -38.35 6.34
CA LYS B 557 -15.59 -39.42 7.04
C LYS B 557 -15.07 -39.59 8.46
N GLY B 558 -14.76 -38.49 9.14
CA GLY B 558 -14.52 -38.58 10.57
C GLY B 558 -13.08 -38.84 10.91
N GLU B 559 -12.23 -38.97 9.89
CA GLU B 559 -10.82 -39.24 10.15
C GLU B 559 -10.10 -38.04 10.72
N VAL B 560 -9.20 -38.29 11.66
CA VAL B 560 -8.30 -37.27 12.18
C VAL B 560 -7.26 -36.90 11.13
N PRO B 561 -7.02 -35.63 10.85
CA PRO B 561 -6.03 -35.30 9.81
C PRO B 561 -4.60 -35.49 10.27
N THR B 562 -3.76 -35.92 9.34
CA THR B 562 -2.32 -35.82 9.51
C THR B 562 -1.87 -34.38 9.32
N PRO B 563 -1.25 -33.72 10.30
CA PRO B 563 -0.77 -32.36 9.99
C PRO B 563 0.32 -32.43 8.94
N ARG B 564 0.20 -31.67 7.87
CA ARG B 564 1.27 -31.59 6.90
C ARG B 564 1.92 -30.21 6.99
N TYR B 565 3.25 -30.16 6.98
CA TYR B 565 3.90 -28.86 7.11
C TYR B 565 4.85 -28.58 5.95
N VAL B 566 5.02 -27.29 5.69
CA VAL B 566 6.01 -26.81 4.75
C VAL B 566 6.79 -25.68 5.42
N VAL B 567 8.11 -25.74 5.33
CA VAL B 567 8.97 -24.67 5.84
C VAL B 567 9.32 -23.74 4.66
N VAL B 568 8.86 -22.50 4.76
CA VAL B 568 8.98 -21.57 3.63
C VAL B 568 10.06 -20.55 3.94
N ASN B 569 10.95 -20.31 2.99
CA ASN B 569 12.00 -19.28 3.15
C ASN B 569 11.58 -17.95 2.55
N SER B 570 12.49 -16.96 2.59
CA SER B 570 12.16 -15.63 2.12
C SER B 570 12.01 -15.54 0.60
N GLN B 571 12.40 -16.57 -0.13
CA GLN B 571 12.18 -16.62 -1.57
C GLN B 571 10.89 -17.32 -1.93
N GLY B 572 10.08 -17.67 -0.91
CA GLY B 572 8.85 -18.36 -1.24
C GLY B 572 9.05 -19.83 -1.55
N LYS B 573 10.21 -20.39 -1.20
CA LYS B 573 10.53 -21.77 -1.55
C LYS B 573 10.52 -22.67 -0.33
N ALA B 574 10.17 -23.93 -0.55
CA ALA B 574 10.10 -24.92 0.52
C ALA B 574 11.49 -25.46 0.86
N GLU B 575 11.87 -25.37 2.13
CA GLU B 575 13.14 -25.89 2.61
C GLU B 575 12.97 -27.33 3.10
N ALA B 576 13.73 -28.26 2.52
CA ALA B 576 13.46 -29.66 2.77
C ALA B 576 14.26 -30.21 3.95
N GLU B 577 15.20 -29.44 4.49
CA GLU B 577 16.06 -30.01 5.54
C GLU B 577 16.02 -29.18 6.82
N VAL B 578 14.93 -28.47 7.01
CA VAL B 578 14.61 -27.82 8.27
C VAL B 578 13.66 -28.74 9.05
N LYS B 579 14.17 -29.27 10.16
CA LYS B 579 13.40 -30.19 10.98
C LYS B 579 12.30 -29.45 11.77
N VAL B 580 11.07 -29.93 11.69
CA VAL B 580 9.98 -29.45 12.52
C VAL B 580 9.23 -30.65 13.09
N GLU B 581 9.02 -30.64 14.40
CA GLU B 581 8.22 -31.66 15.07
C GLU B 581 6.81 -31.10 15.27
N VAL B 582 5.86 -31.59 14.50
CA VAL B 582 4.47 -31.17 14.56
C VAL B 582 3.60 -32.33 15.04
N ALA B 583 2.71 -32.06 15.99
CA ALA B 583 1.74 -33.06 16.36
C ALA B 583 0.38 -32.44 16.66
N LEU B 584 -0.66 -33.26 16.50
CA LEU B 584 -2.02 -32.83 16.82
C LEU B 584 -2.49 -33.53 18.10
N HIS B 585 -3.08 -32.78 19.03
CA HIS B 585 -3.48 -33.28 20.33
C HIS B 585 -4.95 -32.95 20.59
N LYS B 586 -5.64 -33.86 21.29
CA LYS B 586 -7.06 -33.75 21.55
C LYS B 586 -7.35 -33.83 23.04
N THR B 587 -8.34 -33.06 23.48
CA THR B 587 -8.90 -33.34 24.80
C THR B 587 -10.42 -33.36 24.73
N GLU B 588 -11.08 -34.03 25.67
CA GLU B 588 -12.54 -33.88 25.80
C GLU B 588 -12.81 -32.53 26.45
N GLY B 589 -13.90 -31.86 26.10
CA GLY B 589 -14.16 -30.56 26.68
C GLY B 589 -13.60 -29.40 25.90
N THR B 590 -14.17 -28.21 26.14
CA THR B 590 -13.65 -27.04 25.44
C THR B 590 -12.59 -26.37 26.31
N PHE B 591 -11.68 -25.60 25.71
CA PHE B 591 -10.59 -25.08 26.54
C PHE B 591 -11.05 -24.02 27.53
N TYR B 592 -12.08 -23.27 27.17
CA TYR B 592 -12.50 -22.14 27.99
C TYR B 592 -13.46 -22.55 29.10
N ASP B 593 -13.83 -23.83 29.11
CA ASP B 593 -14.68 -24.36 30.17
C ASP B 593 -13.81 -25.09 31.20
N ALA B 594 -12.53 -25.26 30.87
CA ALA B 594 -11.58 -25.90 31.77
C ALA B 594 -11.47 -25.13 33.09
N ASP B 601 -6.90 -29.29 30.79
CA ASP B 601 -7.49 -30.57 30.42
C ASP B 601 -6.44 -31.63 30.11
N ASP B 602 -6.90 -32.84 29.79
CA ASP B 602 -6.09 -34.00 29.46
C ASP B 602 -5.85 -34.14 27.95
N TYR B 603 -4.83 -33.49 27.41
CA TYR B 603 -4.56 -33.64 25.98
C TYR B 603 -3.80 -34.92 25.68
N ARG B 604 -4.16 -35.59 24.60
CA ARG B 604 -3.50 -36.79 24.11
C ARG B 604 -3.11 -36.60 22.65
N ARG B 605 -1.93 -37.07 22.27
CA ARG B 605 -1.55 -36.98 20.86
C ARG B 605 -2.43 -37.89 20.00
N VAL B 606 -2.96 -37.34 18.90
CA VAL B 606 -3.80 -38.13 18.00
C VAL B 606 -3.29 -38.20 16.57
N ALA B 607 -2.27 -37.43 16.20
CA ALA B 607 -1.66 -37.60 14.88
C ALA B 607 -0.27 -36.97 14.88
N ASP B 608 0.64 -37.60 14.13
CA ASP B 608 1.99 -37.11 13.98
C ASP B 608 2.11 -36.32 12.68
N GLY B 609 2.88 -35.25 12.66
CA GLY B 609 3.07 -34.44 11.47
C GLY B 609 3.96 -35.11 10.44
N LYS B 610 3.86 -34.62 9.20
CA LYS B 610 4.67 -35.11 8.09
C LYS B 610 5.02 -33.91 7.21
N ARG B 611 6.21 -33.86 6.67
CA ARG B 611 6.53 -32.78 5.70
C ARG B 611 5.75 -32.99 4.41
N ALA B 612 5.22 -31.89 3.85
CA ALA B 612 4.56 -31.97 2.56
C ALA B 612 5.56 -31.72 1.44
N GLU B 613 5.32 -32.33 0.28
CA GLU B 613 6.14 -32.00 -0.87
C GLU B 613 5.49 -30.87 -1.68
N VAL B 614 6.31 -30.09 -2.36
CA VAL B 614 5.76 -29.04 -3.24
C VAL B 614 6.25 -29.26 -4.66
N ASP B 615 5.79 -28.42 -5.59
CA ASP B 615 6.23 -28.56 -6.97
C ASP B 615 7.74 -28.37 -7.08
N ASP B 616 8.40 -29.07 -8.00
CA ASP B 616 9.84 -28.92 -8.14
C ASP B 616 10.30 -27.46 -8.28
N ALA B 617 9.60 -26.62 -9.03
CA ALA B 617 10.06 -25.24 -9.21
C ALA B 617 9.97 -24.42 -7.93
N TYR B 618 9.31 -24.97 -6.92
CA TYR B 618 9.05 -24.25 -5.67
C TYR B 618 9.91 -24.79 -4.53
N ARG B 619 10.82 -25.72 -4.84
CA ARG B 619 11.76 -26.27 -3.89
C ARG B 619 13.05 -25.45 -3.79
N ALA B 620 13.47 -25.21 -2.55
CA ALA B 620 14.73 -24.51 -2.31
C ALA B 620 15.91 -25.31 -2.86
CU CU C . -9.47 14.85 -20.06
CU CU C . -10.57 13.28 -18.38
CU CU D . -7.16 11.09 -19.01
CU CU D . -7.75 11.29 -19.33
CU CU E . 13.21 -7.72 20.94
CU CU E . 13.06 -8.63 18.55
CU CU F . 9.12 -7.56 19.04
CU CU F . 9.56 -8.06 19.25
#